data_4I4C
#
_entry.id   4I4C
#
_cell.length_a   42.659
_cell.length_b   104.542
_cell.length_c   82.302
_cell.angle_alpha   90.00
_cell.angle_beta   91.18
_cell.angle_gamma   90.00
#
_symmetry.space_group_name_H-M   'P 1 21 1'
#
loop_
_entity.id
_entity.type
_entity.pdbx_description
1 polymer 'UPF0255 protein frsA'
2 non-polymer 2-(2-{2-[2-(2-METHOXY-ETHOXY)-ETHOXY]-ETHOXY}-ETHOXY)-ETHANOL
3 non-polymer 'HEXANOIC ACID'
4 non-polymer GLYCEROL
5 water water
#
_entity_poly.entity_id   1
_entity_poly.type   'polypeptide(L)'
_entity_poly.pdbx_seq_one_letter_code
;MSEEVSKNLSETLFVKHKQAKETSALTQYMPTSQSLLDEIKEKNGFSWYRNLRRLQWVWQGVDPIEQEQVLARIASSKHS
RTDEQWLDTVMGYHSGNWAYEWTRLGMEHQKRAGEMTNEAASEALFSASLCYSIAGYPHLKSDNLAIQAQVLANSAYLEA
AKKSKYIIKQLEIPFEKGKITAHLHLTNTDKPHPVVIVSAGLDSLQTDMWRLFRDHLAKHDIAMLTVDMPSVGYSSKYPL
TEDYSRLHQAVLNELFSIPYVDHHRVGLIGFRFGGNAMVRLSFLEQEKIKACVILGAPIHDIFASPQKLQQMPKMYLDVL
ASRLGKSVVDIYSLSGQMAAWSLKVQGFLSSRKTKVPILAMSLEGDPVSPYSDNQMVAFFSTYGKAKKISSKTITQGYEQ
SLDLAIKWLEDELLR
;
_entity_poly.pdbx_strand_id   A,B
#
loop_
_chem_comp.id
_chem_comp.type
_chem_comp.name
_chem_comp.formula
1PG non-polymer 2-(2-{2-[2-(2-METHOXY-ETHOXY)-ETHOXY]-ETHOXY}-ETHOXY)-ETHANOL 'C11 H24 O6'
6NA non-polymer 'HEXANOIC ACID' 'C6 H12 O2'
GOL non-polymer GLYCEROL 'C3 H8 O3'
#
# COMPACT_ATOMS: atom_id res chain seq x y z
N PHE A 14 -7.48 13.00 10.26
CA PHE A 14 -7.53 14.45 10.51
C PHE A 14 -7.05 14.87 11.90
N VAL A 15 -7.24 14.00 12.90
CA VAL A 15 -6.93 14.33 14.30
C VAL A 15 -5.46 14.75 14.47
N LYS A 16 -4.59 14.12 13.69
CA LYS A 16 -3.16 14.44 13.67
C LYS A 16 -2.91 15.77 12.95
N HIS A 17 -3.95 16.35 12.36
CA HIS A 17 -3.76 17.54 11.52
C HIS A 17 -4.59 18.75 11.96
N LYS A 18 -4.82 18.88 13.27
CA LYS A 18 -5.59 19.99 13.82
C LYS A 18 -4.99 21.33 13.37
N GLN A 19 -3.67 21.38 13.30
CA GLN A 19 -2.95 22.62 13.03
C GLN A 19 -2.19 22.57 11.72
N ALA A 20 -2.69 21.80 10.76
CA ALA A 20 -2.00 21.65 9.47
C ALA A 20 -1.74 22.97 8.76
N LYS A 21 -0.65 23.03 8.00
CA LYS A 21 -0.27 24.22 7.27
C LYS A 21 -1.35 24.54 6.22
N GLU A 22 -1.74 25.80 6.13
CA GLU A 22 -2.85 26.20 5.28
C GLU A 22 -2.47 26.21 3.80
N THR A 23 -3.39 25.71 2.99
CA THR A 23 -3.23 25.54 1.54
C THR A 23 -2.52 26.67 0.81
N SER A 24 -3.01 27.90 0.97
CA SER A 24 -2.41 29.01 0.23
C SER A 24 -0.96 29.34 0.64
N ALA A 25 -0.48 28.73 1.71
CA ALA A 25 0.82 29.06 2.28
C ALA A 25 1.83 27.96 1.96
N LEU A 26 1.35 26.87 1.38
CA LEU A 26 2.19 25.70 1.16
C LEU A 26 3.34 25.89 0.17
N THR A 27 3.02 26.45 -0.99
CA THR A 27 3.98 26.52 -2.07
C THR A 27 5.01 27.59 -1.76
N GLN A 28 6.27 27.22 -1.93
CA GLN A 28 7.38 28.14 -1.68
C GLN A 28 7.75 28.87 -2.96
N TYR A 29 7.82 30.20 -2.87
CA TYR A 29 8.19 31.00 -4.03
C TYR A 29 9.47 31.78 -3.73
N MET A 30 10.29 31.98 -4.75
CA MET A 30 11.47 32.84 -4.62
C MET A 30 10.98 34.25 -4.30
N PRO A 31 11.77 35.02 -3.53
CA PRO A 31 11.34 36.36 -3.12
C PRO A 31 10.95 37.27 -4.30
N THR A 32 11.65 37.19 -5.43
CA THR A 32 11.26 37.98 -6.60
C THR A 32 9.91 37.50 -7.15
N SER A 33 9.63 36.21 -7.00
CA SER A 33 8.34 35.70 -7.44
C SER A 33 7.23 36.02 -6.43
N GLN A 34 7.56 36.13 -5.14
CA GLN A 34 6.57 36.56 -4.16
C GLN A 34 6.10 37.97 -4.45
N SER A 35 7.03 38.81 -4.89
CA SER A 35 6.71 40.19 -5.25
C SER A 35 5.73 40.24 -6.42
N LEU A 36 5.93 39.37 -7.40
CA LEU A 36 5.00 39.24 -8.53
C LEU A 36 3.59 38.77 -8.09
N LEU A 37 3.53 37.79 -7.18
CA LEU A 37 2.27 37.33 -6.61
C LEU A 37 1.51 38.47 -5.92
N ASP A 38 2.23 39.33 -5.20
CA ASP A 38 1.60 40.47 -4.55
C ASP A 38 1.00 41.42 -5.59
N GLU A 39 1.74 41.69 -6.65
CA GLU A 39 1.21 42.47 -7.80
C GLU A 39 -0.11 41.89 -8.32
N ILE A 40 -0.11 40.60 -8.61
CA ILE A 40 -1.28 39.89 -9.12
C ILE A 40 -2.48 40.03 -8.18
N LYS A 41 -2.26 39.73 -6.89
CA LYS A 41 -3.29 39.82 -5.87
C LYS A 41 -3.84 41.23 -5.73
N GLU A 42 -2.96 42.23 -5.71
CA GLU A 42 -3.40 43.62 -5.72
C GLU A 42 -4.21 44.00 -6.96
N LYS A 43 -3.79 43.53 -8.13
CA LYS A 43 -4.50 43.91 -9.35
C LYS A 43 -5.87 43.22 -9.49
N ASN A 44 -5.96 41.92 -9.17
CA ASN A 44 -7.24 41.24 -9.31
C ASN A 44 -8.23 41.42 -8.14
N GLY A 45 -7.72 41.66 -6.93
CA GLY A 45 -8.54 41.93 -5.77
C GLY A 45 -9.55 40.85 -5.39
N PHE A 46 -9.33 39.62 -5.86
CA PHE A 46 -10.23 38.50 -5.61
C PHE A 46 -10.45 38.22 -4.12
N SER A 47 -11.65 37.77 -3.78
CA SER A 47 -12.07 37.51 -2.38
C SER A 47 -11.78 36.08 -1.96
N TRP A 48 -11.24 35.29 -2.87
CA TRP A 48 -11.01 33.87 -2.61
C TRP A 48 -9.63 33.54 -3.14
N TYR A 49 -8.92 32.65 -2.44
CA TYR A 49 -7.65 32.11 -2.95
C TYR A 49 -7.96 31.14 -4.08
N ARG A 50 -8.75 30.12 -3.76
CA ARG A 50 -9.22 29.17 -4.76
C ARG A 50 -10.06 29.85 -5.83
N ASN A 51 -9.96 29.36 -7.07
CA ASN A 51 -10.97 29.70 -8.06
C ASN A 51 -12.22 28.90 -7.74
N LEU A 52 -13.28 29.61 -7.38
CA LEU A 52 -14.58 29.02 -7.06
C LEU A 52 -15.27 28.51 -8.31
N ARG A 53 -15.68 27.24 -8.27
CA ARG A 53 -16.36 26.59 -9.37
C ARG A 53 -17.81 26.23 -9.00
N ARG A 54 -18.54 27.19 -8.43
CA ARG A 54 -19.92 26.95 -7.98
C ARG A 54 -20.80 26.18 -8.98
N LEU A 55 -20.91 26.69 -10.19
CA LEU A 55 -21.71 26.05 -11.24
C LEU A 55 -21.17 24.68 -11.67
N GLN A 56 -19.85 24.53 -11.72
CA GLN A 56 -19.25 23.24 -12.05
C GLN A 56 -19.61 22.20 -10.99
N TRP A 57 -19.44 22.57 -9.73
CA TRP A 57 -19.70 21.64 -8.63
C TRP A 57 -21.17 21.22 -8.59
N VAL A 58 -22.08 22.16 -8.85
CA VAL A 58 -23.50 21.85 -8.91
C VAL A 58 -23.80 20.89 -10.07
N TRP A 59 -23.27 21.22 -11.25
CA TRP A 59 -23.32 20.32 -12.40
C TRP A 59 -22.86 18.90 -12.05
N GLN A 60 -21.73 18.81 -11.34
CA GLN A 60 -21.20 17.52 -10.90
C GLN A 60 -22.05 16.81 -9.82
N GLY A 61 -22.93 17.55 -9.16
CA GLY A 61 -23.87 16.91 -8.25
C GLY A 61 -24.06 17.51 -6.87
N VAL A 62 -23.30 18.55 -6.53
CA VAL A 62 -23.45 19.21 -5.24
C VAL A 62 -24.76 19.98 -5.23
N ASP A 63 -25.50 19.90 -4.14
CA ASP A 63 -26.73 20.66 -4.01
C ASP A 63 -26.40 22.13 -3.79
N PRO A 64 -27.04 23.03 -4.56
CA PRO A 64 -26.75 24.46 -4.50
C PRO A 64 -26.97 25.06 -3.11
N ILE A 65 -28.01 24.62 -2.41
CA ILE A 65 -28.31 25.18 -1.09
C ILE A 65 -27.23 24.79 -0.09
N GLU A 66 -26.83 23.52 -0.10
CA GLU A 66 -25.82 23.02 0.86
C GLU A 66 -24.45 23.62 0.56
N GLN A 67 -24.15 23.82 -0.72
CA GLN A 67 -22.92 24.49 -1.13
C GLN A 67 -22.86 25.93 -0.60
N GLU A 68 -23.97 26.66 -0.68
CA GLU A 68 -23.99 28.01 -0.15
C GLU A 68 -23.84 27.99 1.37
N GLN A 69 -24.45 27.01 2.03
CA GLN A 69 -24.30 26.90 3.49
C GLN A 69 -22.81 26.66 3.84
N VAL A 70 -22.16 25.80 3.05
CA VAL A 70 -20.74 25.51 3.25
C VAL A 70 -19.90 26.74 3.02
N LEU A 71 -20.13 27.41 1.90
CA LEU A 71 -19.35 28.60 1.55
C LEU A 71 -19.60 29.74 2.53
N ALA A 72 -20.82 29.85 3.02
CA ALA A 72 -21.13 30.87 4.03
C ALA A 72 -20.39 30.63 5.34
N ARG A 73 -20.35 29.38 5.82
CA ARG A 73 -19.60 29.09 7.04
C ARG A 73 -18.10 29.38 6.86
N ILE A 74 -17.60 29.22 5.63
CA ILE A 74 -16.21 29.51 5.30
C ILE A 74 -15.96 31.02 5.24
N ALA A 75 -16.83 31.72 4.54
CA ALA A 75 -16.65 33.17 4.36
C ALA A 75 -17.01 33.98 5.63
N SER A 76 -17.89 33.44 6.46
CA SER A 76 -18.35 34.11 7.70
C SER A 76 -17.42 33.94 8.87
N SER A 77 -16.43 33.07 8.73
CA SER A 77 -15.62 32.70 9.87
C SER A 77 -14.84 33.87 10.46
N LYS A 78 -14.72 33.86 11.80
CA LYS A 78 -13.97 34.86 12.54
C LYS A 78 -12.55 34.37 12.79
N HIS A 79 -12.30 33.10 12.48
CA HIS A 79 -10.98 32.54 12.66
C HIS A 79 -9.90 33.15 11.77
N SER A 80 -8.67 33.09 12.25
CA SER A 80 -7.55 33.73 11.57
C SER A 80 -7.29 33.12 10.21
N ARG A 81 -7.04 33.99 9.24
CA ARG A 81 -6.77 33.57 7.86
C ARG A 81 -5.31 33.85 7.50
N THR A 82 -4.76 33.03 6.61
CA THR A 82 -3.42 33.28 6.08
C THR A 82 -3.40 34.67 5.46
N ASP A 83 -4.48 35.01 4.78
CA ASP A 83 -4.63 36.31 4.13
C ASP A 83 -6.10 36.68 4.23
N GLU A 84 -6.41 37.73 4.98
CA GLU A 84 -7.79 38.06 5.26
C GLU A 84 -8.57 38.48 4.00
N GLN A 85 -7.86 38.88 2.94
CA GLN A 85 -8.51 39.16 1.65
C GLN A 85 -9.15 37.89 1.09
N TRP A 86 -8.53 36.76 1.37
CA TRP A 86 -8.95 35.47 0.83
C TRP A 86 -9.78 34.67 1.84
N LEU A 87 -11.09 34.68 1.66
CA LEU A 87 -12.04 34.12 2.62
C LEU A 87 -11.84 32.64 2.93
N ASP A 88 -11.38 31.88 1.95
CA ASP A 88 -11.15 30.45 2.11
C ASP A 88 -9.81 30.07 2.76
N THR A 89 -9.09 31.02 3.36
CA THR A 89 -7.81 30.64 3.97
C THR A 89 -7.77 30.62 5.52
N VAL A 90 -8.90 30.33 6.14
CA VAL A 90 -8.88 30.07 7.58
C VAL A 90 -7.87 28.95 7.86
N MET A 91 -6.97 29.22 8.82
CA MET A 91 -5.88 28.30 9.12
C MET A 91 -6.25 27.21 10.13
N GLY A 92 -5.96 25.95 9.77
CA GLY A 92 -6.13 24.84 10.68
C GLY A 92 -7.46 24.13 10.52
N TYR A 93 -7.51 22.86 10.97
CA TYR A 93 -8.68 22.02 10.73
C TYR A 93 -9.77 22.27 11.75
N HIS A 94 -10.61 23.26 11.49
CA HIS A 94 -11.72 23.60 12.38
C HIS A 94 -12.66 24.56 11.66
N SER A 95 -13.70 25.01 12.36
CA SER A 95 -14.73 25.84 11.75
C SER A 95 -14.17 26.97 10.87
N GLY A 96 -14.73 27.11 9.68
CA GLY A 96 -14.24 28.15 8.77
C GLY A 96 -13.20 27.66 7.76
N ASN A 97 -12.47 26.59 8.10
CA ASN A 97 -11.46 26.06 7.19
C ASN A 97 -12.14 25.38 5.99
N TRP A 98 -11.58 25.58 4.81
CA TRP A 98 -12.16 25.04 3.58
C TRP A 98 -12.31 23.52 3.63
N ALA A 99 -11.22 22.82 3.88
CA ALA A 99 -11.28 21.36 4.01
C ALA A 99 -12.25 20.91 5.10
N TYR A 100 -12.21 21.58 6.24
CA TYR A 100 -13.07 21.21 7.37
C TYR A 100 -14.55 21.32 7.00
N GLU A 101 -14.92 22.45 6.41
CA GLU A 101 -16.33 22.69 6.14
C GLU A 101 -16.85 21.78 5.04
N TRP A 102 -16.02 21.49 4.03
CA TRP A 102 -16.48 20.63 2.93
C TRP A 102 -16.54 19.19 3.39
N THR A 103 -15.61 18.79 4.26
CA THR A 103 -15.61 17.43 4.78
C THR A 103 -16.84 17.20 5.66
N ARG A 104 -17.25 18.24 6.40
CA ARG A 104 -18.48 18.19 7.18
C ARG A 104 -19.67 17.81 6.33
N LEU A 105 -19.80 18.45 5.17
CA LEU A 105 -20.89 18.14 4.25
C LEU A 105 -20.76 16.72 3.73
N GLY A 106 -19.54 16.31 3.37
CA GLY A 106 -19.32 14.91 3.03
C GLY A 106 -19.80 13.93 4.08
N MET A 107 -19.49 14.22 5.34
CA MET A 107 -19.85 13.28 6.42
C MET A 107 -21.35 13.23 6.65
N GLU A 108 -22.05 14.31 6.30
CA GLU A 108 -23.49 14.41 6.43
C GLU A 108 -24.19 13.55 5.38
N HIS A 109 -23.63 13.57 4.18
CA HIS A 109 -24.07 12.65 3.14
C HIS A 109 -23.77 11.22 3.55
N GLN A 110 -22.57 10.97 4.06
CA GLN A 110 -22.18 9.63 4.44
C GLN A 110 -23.03 9.11 5.62
N LYS A 111 -23.56 10.04 6.44
CA LYS A 111 -24.54 9.71 7.49
C LYS A 111 -25.91 9.35 6.92
N ARG A 112 -26.46 10.22 6.06
CA ARG A 112 -27.73 9.92 5.42
C ARG A 112 -27.66 8.60 4.63
N ALA A 113 -26.47 8.27 4.13
CA ALA A 113 -26.28 7.04 3.34
C ALA A 113 -26.59 5.77 4.13
N GLY A 114 -26.26 5.76 5.41
CA GLY A 114 -26.52 4.62 6.28
C GLY A 114 -28.00 4.43 6.60
N GLU A 115 -28.80 5.46 6.35
CA GLU A 115 -30.24 5.38 6.61
C GLU A 115 -31.03 5.36 5.30
N MET A 116 -30.31 5.12 4.22
CA MET A 116 -30.90 4.80 2.93
C MET A 116 -30.41 3.41 2.52
N THR A 117 -31.04 2.87 1.48
CA THR A 117 -30.60 1.60 0.91
C THR A 117 -30.61 1.69 -0.62
N ASN A 118 -29.77 0.89 -1.25
CA ASN A 118 -29.72 0.78 -2.72
C ASN A 118 -29.53 2.09 -3.48
N GLU A 119 -30.51 2.43 -4.31
CA GLU A 119 -30.37 3.51 -5.30
C GLU A 119 -30.38 4.91 -4.69
N ALA A 120 -30.46 4.97 -3.37
CA ALA A 120 -30.36 6.24 -2.67
C ALA A 120 -29.07 6.27 -1.85
N ALA A 121 -28.84 5.20 -1.09
CA ALA A 121 -27.59 5.02 -0.37
C ALA A 121 -26.38 5.19 -1.29
N SER A 122 -26.45 4.60 -2.49
CA SER A 122 -25.38 4.68 -3.47
C SER A 122 -25.13 6.14 -3.86
N GLU A 123 -26.21 6.82 -4.20
CA GLU A 123 -26.13 8.20 -4.65
C GLU A 123 -25.68 9.15 -3.54
N ALA A 124 -25.97 8.79 -2.29
CA ALA A 124 -25.59 9.65 -1.19
C ALA A 124 -24.08 9.54 -1.01
N LEU A 125 -23.55 8.35 -1.27
CA LEU A 125 -22.12 8.13 -1.10
C LEU A 125 -21.34 8.82 -2.23
N PHE A 126 -21.88 8.80 -3.45
CA PHE A 126 -21.30 9.54 -4.57
C PHE A 126 -21.29 11.04 -4.27
N SER A 127 -22.40 11.55 -3.73
CA SER A 127 -22.42 12.94 -3.26
C SER A 127 -21.33 13.23 -2.23
N ALA A 128 -21.10 12.27 -1.34
CA ALA A 128 -20.12 12.42 -0.28
C ALA A 128 -18.71 12.49 -0.87
N SER A 129 -18.45 11.59 -1.82
CA SER A 129 -17.19 11.52 -2.54
C SER A 129 -16.84 12.85 -3.15
N LEU A 130 -17.85 13.47 -3.76
CA LEU A 130 -17.66 14.76 -4.43
C LEU A 130 -17.34 15.85 -3.43
N CYS A 131 -18.04 15.82 -2.29
CA CYS A 131 -17.79 16.83 -1.25
C CYS A 131 -16.36 16.72 -0.73
N TYR A 132 -15.90 15.48 -0.53
CA TYR A 132 -14.53 15.23 -0.09
C TYR A 132 -13.49 15.67 -1.11
N SER A 133 -13.77 15.45 -2.40
CA SER A 133 -12.90 15.90 -3.49
C SER A 133 -12.78 17.43 -3.49
N ILE A 134 -13.91 18.10 -3.42
CA ILE A 134 -13.91 19.56 -3.29
C ILE A 134 -13.16 20.04 -2.03
N ALA A 135 -13.35 19.33 -0.92
CA ALA A 135 -12.59 19.62 0.31
C ALA A 135 -11.08 19.67 0.05
N GLY A 136 -10.60 18.78 -0.82
CA GLY A 136 -9.17 18.73 -1.10
C GLY A 136 -8.73 19.64 -2.23
N TYR A 137 -9.70 20.06 -3.04
CA TYR A 137 -9.40 20.95 -4.17
C TYR A 137 -8.62 22.16 -3.68
N PRO A 138 -7.55 22.54 -4.39
CA PRO A 138 -7.11 22.00 -5.69
C PRO A 138 -6.04 20.89 -5.63
N HIS A 139 -5.96 20.18 -4.52
CA HIS A 139 -5.13 18.96 -4.45
C HIS A 139 -3.64 19.24 -4.62
N LEU A 140 -3.14 20.20 -3.84
CA LEU A 140 -1.72 20.46 -3.73
C LEU A 140 -1.07 19.28 -3.02
N LYS A 141 0.11 18.87 -3.48
CA LYS A 141 0.67 17.57 -3.05
C LYS A 141 1.13 17.59 -1.60
N SER A 142 1.52 18.76 -1.11
CA SER A 142 2.02 18.84 0.24
C SER A 142 0.91 19.20 1.23
N ASP A 143 -0.34 19.17 0.76
CA ASP A 143 -1.47 19.59 1.58
C ASP A 143 -1.99 18.41 2.40
N ASN A 144 -1.69 18.42 3.71
CA ASN A 144 -2.09 17.33 4.59
C ASN A 144 -3.61 17.17 4.67
N LEU A 145 -4.33 18.28 4.79
CA LEU A 145 -5.79 18.20 4.88
C LEU A 145 -6.38 17.66 3.58
N ALA A 146 -5.78 18.04 2.46
CA ALA A 146 -6.26 17.63 1.16
C ALA A 146 -5.97 16.17 0.89
N ILE A 147 -4.81 15.69 1.34
CA ILE A 147 -4.45 14.28 1.15
C ILE A 147 -5.48 13.40 1.82
N GLN A 148 -5.77 13.71 3.08
CA GLN A 148 -6.83 13.03 3.82
C GLN A 148 -8.21 13.11 3.15
N ALA A 149 -8.58 14.29 2.65
CA ALA A 149 -9.81 14.48 1.90
C ALA A 149 -9.89 13.54 0.68
N GLN A 150 -8.77 13.43 -0.02
CA GLN A 150 -8.65 12.59 -1.21
C GLN A 150 -8.77 11.10 -0.86
N VAL A 151 -8.36 10.74 0.36
CA VAL A 151 -8.52 9.37 0.83
C VAL A 151 -10.01 9.09 1.02
N LEU A 152 -10.72 10.04 1.60
CA LEU A 152 -12.14 9.89 1.89
C LEU A 152 -12.94 9.90 0.61
N ALA A 153 -12.52 10.75 -0.32
CA ALA A 153 -13.15 10.82 -1.62
C ALA A 153 -13.09 9.44 -2.25
N ASN A 154 -11.90 8.84 -2.26
CA ASN A 154 -11.73 7.51 -2.86
C ASN A 154 -12.48 6.39 -2.13
N SER A 155 -12.43 6.37 -0.79
CA SER A 155 -13.17 5.32 -0.09
C SER A 155 -14.69 5.49 -0.28
N ALA A 156 -15.17 6.74 -0.33
CA ALA A 156 -16.58 6.95 -0.53
C ALA A 156 -17.04 6.52 -1.94
N TYR A 157 -16.21 6.73 -2.94
CA TYR A 157 -16.55 6.35 -4.31
C TYR A 157 -16.72 4.84 -4.44
N LEU A 158 -15.81 4.07 -3.85
CA LEU A 158 -15.89 2.62 -3.96
C LEU A 158 -17.10 2.08 -3.19
N GLU A 159 -17.37 2.68 -2.03
CA GLU A 159 -18.55 2.29 -1.26
C GLU A 159 -19.85 2.62 -1.99
N ALA A 160 -19.88 3.75 -2.69
CA ALA A 160 -21.00 4.06 -3.58
C ALA A 160 -21.09 3.04 -4.72
N ALA A 161 -19.94 2.74 -5.32
CA ALA A 161 -19.89 1.81 -6.45
C ALA A 161 -20.42 0.44 -6.07
N LYS A 162 -20.03 -0.01 -4.87
CA LYS A 162 -20.42 -1.30 -4.33
C LYS A 162 -21.93 -1.37 -4.10
N LYS A 163 -22.53 -0.21 -3.82
CA LYS A 163 -23.95 -0.12 -3.52
C LYS A 163 -24.78 0.05 -4.79
N SER A 164 -24.13 0.50 -5.86
CA SER A 164 -24.85 0.84 -7.07
C SER A 164 -25.35 -0.41 -7.77
N LYS A 165 -26.48 -0.28 -8.45
CA LYS A 165 -26.96 -1.31 -9.36
C LYS A 165 -26.06 -1.38 -10.59
N TYR A 166 -25.28 -0.33 -10.83
CA TYR A 166 -24.33 -0.34 -11.95
C TYR A 166 -23.03 -1.01 -11.55
N ILE A 167 -22.20 -1.33 -12.52
CA ILE A 167 -21.01 -2.09 -12.23
C ILE A 167 -19.75 -1.25 -12.36
N ILE A 168 -19.02 -1.08 -11.27
CA ILE A 168 -17.79 -0.29 -11.31
C ILE A 168 -16.59 -1.11 -10.86
N LYS A 169 -15.64 -1.30 -11.76
CA LYS A 169 -14.43 -2.05 -11.45
C LYS A 169 -13.21 -1.15 -11.39
N GLN A 170 -12.40 -1.31 -10.35
CA GLN A 170 -11.14 -0.59 -10.29
C GLN A 170 -10.04 -1.45 -10.95
N LEU A 171 -9.46 -0.95 -12.03
CA LEU A 171 -8.39 -1.66 -12.72
C LEU A 171 -7.00 -1.13 -12.35
N GLU A 172 -6.03 -2.04 -12.28
CA GLU A 172 -4.64 -1.69 -12.05
C GLU A 172 -3.81 -2.23 -13.20
N ILE A 173 -3.31 -1.31 -14.02
CA ILE A 173 -2.66 -1.64 -15.27
C ILE A 173 -1.18 -1.31 -15.16
N PRO A 174 -0.32 -2.34 -15.14
CA PRO A 174 1.13 -2.12 -15.09
C PRO A 174 1.62 -1.22 -16.23
N PHE A 175 2.55 -0.33 -15.89
CA PHE A 175 3.19 0.57 -16.84
C PHE A 175 4.34 1.24 -16.08
N GLU A 176 5.56 1.02 -16.56
CA GLU A 176 6.76 1.64 -15.99
C GLU A 176 6.96 1.41 -14.49
N LYS A 177 6.87 0.15 -14.07
CA LYS A 177 7.14 -0.27 -12.68
C LYS A 177 6.12 0.16 -11.64
N GLY A 178 5.16 0.99 -12.05
CA GLY A 178 4.02 1.29 -11.22
C GLY A 178 2.79 0.71 -11.88
N LYS A 179 1.62 0.99 -11.33
CA LYS A 179 0.37 0.64 -11.99
C LYS A 179 -0.48 1.89 -12.21
N ILE A 180 -1.16 1.92 -13.35
CA ILE A 180 -2.15 2.94 -13.62
C ILE A 180 -3.46 2.48 -13.01
N THR A 181 -4.07 3.31 -12.16
CA THR A 181 -5.36 2.98 -11.56
C THR A 181 -6.50 3.65 -12.32
N ALA A 182 -7.42 2.84 -12.83
CA ALA A 182 -8.54 3.38 -13.60
C ALA A 182 -9.87 2.80 -13.11
N HIS A 183 -10.96 3.53 -13.33
CA HIS A 183 -12.26 3.04 -12.91
C HIS A 183 -13.19 2.79 -14.11
N LEU A 184 -13.57 1.52 -14.29
CA LEU A 184 -14.45 1.13 -15.38
C LEU A 184 -15.89 1.04 -14.90
N HIS A 185 -16.74 1.90 -15.43
CA HIS A 185 -18.15 1.95 -15.09
C HIS A 185 -18.96 1.27 -16.18
N LEU A 186 -19.70 0.21 -15.83
CA LEU A 186 -20.52 -0.49 -16.81
C LEU A 186 -21.99 -0.52 -16.41
N THR A 187 -22.90 -0.46 -17.39
CA THR A 187 -24.33 -0.58 -17.11
C THR A 187 -24.66 -2.02 -16.73
N ASN A 188 -23.95 -2.94 -17.36
CA ASN A 188 -24.06 -4.37 -17.11
C ASN A 188 -22.90 -5.07 -17.77
N THR A 189 -22.85 -6.39 -17.65
CA THR A 189 -21.85 -7.16 -18.37
C THR A 189 -22.50 -8.18 -19.30
N ASP A 190 -23.72 -7.88 -19.74
CA ASP A 190 -24.48 -8.77 -20.62
C ASP A 190 -23.75 -9.03 -21.95
N LYS A 191 -23.20 -7.97 -22.53
CA LYS A 191 -22.40 -8.10 -23.74
C LYS A 191 -21.29 -7.07 -23.65
N PRO A 192 -20.24 -7.23 -24.45
CA PRO A 192 -19.19 -6.19 -24.53
C PRO A 192 -19.77 -4.84 -24.97
N HIS A 193 -19.45 -3.78 -24.22
CA HIS A 193 -20.04 -2.46 -24.46
C HIS A 193 -19.01 -1.48 -25.01
N PRO A 194 -19.48 -0.55 -25.86
CA PRO A 194 -18.63 0.56 -26.31
C PRO A 194 -18.15 1.32 -25.08
N VAL A 195 -16.99 1.97 -25.18
CA VAL A 195 -16.38 2.58 -24.00
C VAL A 195 -15.75 3.92 -24.32
N VAL A 196 -15.84 4.86 -23.39
CA VAL A 196 -15.09 6.09 -23.53
C VAL A 196 -14.09 6.23 -22.40
N ILE A 197 -12.85 6.53 -22.74
CA ILE A 197 -11.84 6.83 -21.75
C ILE A 197 -11.98 8.32 -21.47
N VAL A 198 -12.01 8.70 -20.19
CA VAL A 198 -12.32 10.07 -19.81
C VAL A 198 -11.29 10.62 -18.82
N SER A 199 -10.73 11.79 -19.11
CA SER A 199 -9.87 12.48 -18.15
C SER A 199 -10.22 13.95 -17.94
N ALA A 200 -10.29 14.39 -16.68
CA ALA A 200 -10.47 15.82 -16.37
C ALA A 200 -9.12 16.53 -16.27
N GLY A 201 -9.11 17.75 -15.74
CA GLY A 201 -7.91 18.56 -15.73
C GLY A 201 -7.08 18.42 -14.48
N LEU A 202 -6.04 19.25 -14.34
CA LEU A 202 -5.04 19.10 -13.28
C LEU A 202 -5.52 19.31 -11.83
N ASP A 203 -6.70 19.90 -11.65
CA ASP A 203 -7.24 20.09 -10.30
C ASP A 203 -8.52 19.29 -10.03
N SER A 204 -8.78 18.29 -10.87
CA SER A 204 -9.90 17.38 -10.63
C SER A 204 -9.35 16.01 -10.25
N LEU A 205 -10.20 15.15 -9.71
CA LEU A 205 -9.85 13.76 -9.50
C LEU A 205 -10.73 12.95 -10.44
N GLN A 206 -10.28 11.74 -10.79
CA GLN A 206 -11.01 10.91 -11.76
C GLN A 206 -12.39 10.49 -11.26
N THR A 207 -12.58 10.60 -9.95
CA THR A 207 -13.83 10.22 -9.32
C THR A 207 -14.85 11.39 -9.32
N ASP A 208 -14.54 12.48 -10.02
CA ASP A 208 -15.42 13.66 -10.01
C ASP A 208 -16.41 13.68 -11.17
N MET A 209 -16.59 12.54 -11.85
CA MET A 209 -17.40 12.53 -13.10
C MET A 209 -18.48 11.46 -13.14
N TRP A 210 -18.90 11.01 -11.95
CA TRP A 210 -19.97 10.03 -11.82
C TRP A 210 -21.23 10.38 -12.61
N ARG A 211 -21.62 11.64 -12.62
CA ARG A 211 -22.84 12.04 -13.33
C ARG A 211 -22.68 12.02 -14.86
N LEU A 212 -21.43 12.07 -15.32
CA LEU A 212 -21.17 11.94 -16.76
C LEU A 212 -21.67 10.57 -17.21
N PHE A 213 -21.30 9.54 -16.45
CA PHE A 213 -21.76 8.17 -16.68
C PHE A 213 -23.26 8.00 -16.36
N ARG A 214 -23.66 8.40 -15.15
CA ARG A 214 -25.04 8.10 -14.69
C ARG A 214 -26.13 8.76 -15.52
N ASP A 215 -25.91 10.02 -15.89
CA ASP A 215 -26.96 10.81 -16.50
C ASP A 215 -26.85 10.91 -18.02
N HIS A 216 -25.75 10.41 -18.58
CA HIS A 216 -25.49 10.57 -20.01
C HIS A 216 -25.01 9.29 -20.72
N LEU A 217 -23.81 8.83 -20.40
CA LEU A 217 -23.26 7.67 -21.09
C LEU A 217 -24.06 6.38 -20.84
N ALA A 218 -24.56 6.21 -19.63
CA ALA A 218 -25.18 4.94 -19.25
C ALA A 218 -26.46 4.68 -20.01
N LYS A 219 -27.14 5.76 -20.41
CA LYS A 219 -28.41 5.65 -21.11
C LYS A 219 -28.22 5.07 -22.51
N HIS A 220 -26.97 5.00 -22.94
CA HIS A 220 -26.61 4.41 -24.23
C HIS A 220 -25.76 3.16 -24.07
N ASP A 221 -25.69 2.65 -22.85
CA ASP A 221 -24.85 1.51 -22.51
C ASP A 221 -23.37 1.73 -22.85
N ILE A 222 -22.95 2.99 -22.92
CA ILE A 222 -21.55 3.32 -23.10
C ILE A 222 -20.81 3.29 -21.76
N ALA A 223 -19.85 2.39 -21.65
CA ALA A 223 -19.02 2.30 -20.46
C ALA A 223 -18.12 3.52 -20.32
N MET A 224 -17.87 3.92 -19.08
CA MET A 224 -16.95 5.02 -18.84
C MET A 224 -15.73 4.51 -18.11
N LEU A 225 -14.55 4.87 -18.60
CA LEU A 225 -13.31 4.44 -17.98
C LEU A 225 -12.52 5.68 -17.60
N THR A 226 -12.53 6.02 -16.31
CA THR A 226 -11.85 7.24 -15.87
C THR A 226 -10.36 7.01 -15.63
N VAL A 227 -9.56 8.03 -15.93
CA VAL A 227 -8.12 7.98 -15.75
C VAL A 227 -7.65 9.35 -15.28
N ASP A 228 -6.69 9.35 -14.35
CA ASP A 228 -5.97 10.56 -13.94
C ASP A 228 -4.75 10.84 -14.82
N MET A 229 -4.64 12.06 -15.32
CA MET A 229 -3.44 12.54 -16.02
C MET A 229 -2.21 12.31 -15.16
N PRO A 230 -1.02 12.18 -15.79
CA PRO A 230 0.21 12.05 -14.98
C PRO A 230 0.37 13.22 -14.00
N SER A 231 0.74 12.90 -12.74
CA SER A 231 0.97 13.84 -11.62
C SER A 231 -0.29 14.11 -10.81
N VAL A 232 -1.43 13.65 -11.34
CA VAL A 232 -2.74 13.87 -10.74
C VAL A 232 -3.29 12.59 -10.09
N GLY A 233 -3.80 12.72 -8.87
CA GLY A 233 -4.50 11.65 -8.17
C GLY A 233 -3.75 10.33 -8.06
N TYR A 234 -4.41 9.26 -8.50
CA TYR A 234 -3.81 7.92 -8.57
C TYR A 234 -2.58 7.85 -9.48
N SER A 235 -2.41 8.85 -10.35
CA SER A 235 -1.26 8.89 -11.23
C SER A 235 -0.21 9.87 -10.73
N SER A 236 -0.29 10.23 -9.45
CA SER A 236 0.65 11.14 -8.82
C SER A 236 2.12 10.75 -9.03
N LYS A 237 2.39 9.45 -9.05
CA LYS A 237 3.76 8.97 -9.16
C LYS A 237 4.27 8.94 -10.60
N TYR A 238 3.42 9.29 -11.56
CA TYR A 238 3.83 9.38 -12.96
C TYR A 238 4.09 10.83 -13.35
N PRO A 239 5.37 11.18 -13.54
CA PRO A 239 5.73 12.56 -13.86
C PRO A 239 5.06 13.07 -15.13
N LEU A 240 4.68 14.33 -15.09
CA LEU A 240 4.08 15.01 -16.22
C LEU A 240 5.19 15.39 -17.19
N THR A 241 5.30 14.66 -18.29
CA THR A 241 6.32 14.94 -19.29
C THR A 241 5.66 15.44 -20.56
N GLU A 242 6.46 15.66 -21.61
CA GLU A 242 5.91 16.15 -22.87
C GLU A 242 5.02 15.09 -23.53
N ASP A 243 5.30 13.82 -23.25
CA ASP A 243 4.44 12.72 -23.66
C ASP A 243 3.42 12.47 -22.56
N TYR A 244 2.46 13.39 -22.43
CA TYR A 244 1.53 13.32 -21.30
C TYR A 244 0.27 12.52 -21.63
N SER A 245 0.24 11.92 -22.82
CA SER A 245 -0.87 11.04 -23.20
C SER A 245 -0.49 9.59 -22.89
N ARG A 246 0.77 9.44 -22.45
CA ARG A 246 1.42 8.20 -22.05
C ARG A 246 0.52 7.15 -21.40
N LEU A 247 -0.17 7.54 -20.34
CA LEU A 247 -0.92 6.60 -19.53
C LEU A 247 -2.20 6.18 -20.25
N HIS A 248 -2.81 7.10 -20.96
CA HIS A 248 -3.99 6.78 -21.75
C HIS A 248 -3.72 5.78 -22.89
N GLN A 249 -2.53 5.88 -23.47
CA GLN A 249 -2.15 4.98 -24.55
C GLN A 249 -2.03 3.56 -23.99
N ALA A 250 -1.46 3.47 -22.80
CA ALA A 250 -1.30 2.19 -22.13
C ALA A 250 -2.65 1.64 -21.70
N VAL A 251 -3.54 2.52 -21.25
CA VAL A 251 -4.89 2.08 -20.89
C VAL A 251 -5.63 1.64 -22.15
N LEU A 252 -5.41 2.35 -23.26
CA LEU A 252 -6.01 1.96 -24.54
C LEU A 252 -5.51 0.58 -24.98
N ASN A 253 -4.19 0.39 -24.93
CA ASN A 253 -3.61 -0.89 -25.31
C ASN A 253 -4.03 -2.03 -24.41
N GLU A 254 -4.44 -1.70 -23.19
CA GLU A 254 -4.91 -2.71 -22.24
C GLU A 254 -6.35 -3.20 -22.53
N LEU A 255 -7.15 -2.37 -23.21
CA LEU A 255 -8.55 -2.72 -23.46
C LEU A 255 -8.74 -4.03 -24.24
N PHE A 256 -7.70 -4.45 -24.97
CA PHE A 256 -7.72 -5.73 -25.68
C PHE A 256 -7.90 -6.89 -24.73
N SER A 257 -7.31 -6.77 -23.55
CA SER A 257 -7.34 -7.85 -22.57
C SER A 257 -8.55 -7.73 -21.66
N ILE A 258 -9.32 -6.66 -21.83
CA ILE A 258 -10.52 -6.48 -21.03
C ILE A 258 -11.74 -6.85 -21.85
N PRO A 259 -12.35 -7.99 -21.53
CA PRO A 259 -13.47 -8.50 -22.32
C PRO A 259 -14.78 -7.78 -22.05
N TYR A 260 -14.85 -6.99 -20.97
CA TYR A 260 -16.08 -6.25 -20.67
C TYR A 260 -16.33 -5.10 -21.66
N VAL A 261 -15.29 -4.68 -22.36
CA VAL A 261 -15.44 -3.60 -23.33
C VAL A 261 -15.24 -4.10 -24.77
N ASP A 262 -15.94 -3.46 -25.70
CA ASP A 262 -15.74 -3.67 -27.13
C ASP A 262 -14.60 -2.76 -27.56
N HIS A 263 -13.40 -3.32 -27.72
CA HIS A 263 -12.23 -2.50 -28.03
C HIS A 263 -12.24 -1.95 -29.45
N HIS A 264 -13.21 -2.37 -30.25
CA HIS A 264 -13.36 -1.82 -31.59
C HIS A 264 -14.24 -0.56 -31.59
N ARG A 265 -14.86 -0.28 -30.44
CA ARG A 265 -15.71 0.90 -30.28
C ARG A 265 -15.27 1.76 -29.06
N VAL A 266 -14.14 2.43 -29.20
CA VAL A 266 -13.55 3.21 -28.11
C VAL A 266 -13.53 4.69 -28.47
N GLY A 267 -14.01 5.51 -27.55
CA GLY A 267 -13.96 6.96 -27.69
C GLY A 267 -13.23 7.65 -26.54
N LEU A 268 -13.11 8.98 -26.63
CA LEU A 268 -12.37 9.75 -25.65
C LEU A 268 -13.08 11.05 -25.32
N ILE A 269 -13.22 11.35 -24.04
CA ILE A 269 -13.72 12.64 -23.57
C ILE A 269 -12.65 13.28 -22.68
N GLY A 270 -12.31 14.54 -22.94
CA GLY A 270 -11.24 15.21 -22.23
C GLY A 270 -11.65 16.63 -21.86
N PHE A 271 -11.67 16.91 -20.56
CA PHE A 271 -11.98 18.24 -20.04
C PHE A 271 -10.69 18.95 -19.65
N ARG A 272 -10.63 20.25 -19.87
CA ARG A 272 -9.42 21.02 -19.54
C ARG A 272 -8.18 20.32 -20.09
N PHE A 273 -7.12 20.27 -19.31
CA PHE A 273 -5.85 19.69 -19.76
C PHE A 273 -6.04 18.22 -20.15
N GLY A 274 -7.03 17.57 -19.53
CA GLY A 274 -7.43 16.25 -19.99
C GLY A 274 -7.68 16.22 -21.50
N GLY A 275 -8.22 17.32 -22.02
CA GLY A 275 -8.47 17.44 -23.45
C GLY A 275 -7.25 17.40 -24.35
N ASN A 276 -6.15 18.01 -23.91
CA ASN A 276 -4.90 17.93 -24.67
C ASN A 276 -4.46 16.50 -24.88
N ALA A 277 -4.61 15.70 -23.83
CA ALA A 277 -4.13 14.32 -23.85
C ALA A 277 -4.94 13.47 -24.82
N MET A 278 -6.25 13.74 -24.90
CA MET A 278 -7.12 12.98 -25.78
C MET A 278 -6.85 13.33 -27.25
N VAL A 279 -6.53 14.60 -27.51
CA VAL A 279 -6.26 15.04 -28.89
C VAL A 279 -4.96 14.40 -29.32
N ARG A 280 -3.96 14.53 -28.48
CA ARG A 280 -2.70 13.88 -28.66
C ARG A 280 -2.85 12.42 -29.01
N LEU A 281 -3.62 11.75 -28.21
CA LEU A 281 -3.91 10.33 -28.43
C LEU A 281 -4.68 10.06 -29.74
N SER A 282 -5.47 11.04 -30.18
CA SER A 282 -6.32 10.84 -31.35
C SER A 282 -5.50 10.99 -32.61
N PHE A 283 -4.30 11.54 -32.47
CA PHE A 283 -3.34 11.60 -33.57
C PHE A 283 -2.43 10.38 -33.53
N LEU A 284 -2.13 9.91 -32.32
CA LEU A 284 -1.22 8.77 -32.15
C LEU A 284 -1.86 7.44 -32.53
N GLU A 285 -3.15 7.27 -32.19
CA GLU A 285 -3.81 5.99 -32.44
C GLU A 285 -5.06 6.16 -33.29
N GLN A 286 -4.89 6.33 -34.58
CA GLN A 286 -5.99 6.74 -35.44
C GLN A 286 -6.97 5.62 -35.80
N GLU A 287 -6.62 4.38 -35.49
CA GLU A 287 -7.51 3.25 -35.78
C GLU A 287 -8.29 2.86 -34.54
N LYS A 288 -7.57 2.77 -33.43
CA LYS A 288 -8.15 2.35 -32.16
C LYS A 288 -9.12 3.38 -31.60
N ILE A 289 -8.91 4.66 -31.90
CA ILE A 289 -9.81 5.72 -31.42
C ILE A 289 -10.86 6.04 -32.49
N LYS A 290 -12.12 5.86 -32.13
CA LYS A 290 -13.22 6.06 -33.06
C LYS A 290 -13.85 7.46 -32.96
N ALA A 291 -13.68 8.11 -31.82
CA ALA A 291 -14.25 9.44 -31.60
C ALA A 291 -13.57 10.14 -30.45
N CYS A 292 -13.47 11.47 -30.53
CA CYS A 292 -12.90 12.27 -29.45
C CYS A 292 -13.71 13.56 -29.25
N VAL A 293 -13.95 13.92 -27.99
CA VAL A 293 -14.64 15.15 -27.66
C VAL A 293 -13.89 15.83 -26.52
N ILE A 294 -13.65 17.11 -26.66
CA ILE A 294 -12.94 17.87 -25.65
C ILE A 294 -13.72 19.14 -25.26
N LEU A 295 -13.62 19.54 -24.00
CA LEU A 295 -14.27 20.76 -23.56
C LEU A 295 -13.31 21.58 -22.73
N GLY A 296 -13.14 22.86 -23.07
CA GLY A 296 -12.31 23.77 -22.29
C GLY A 296 -10.82 23.43 -22.24
N ALA A 297 -10.31 22.77 -23.29
CA ALA A 297 -8.92 22.33 -23.32
C ALA A 297 -7.93 23.47 -23.67
N PRO A 298 -6.82 23.57 -22.91
CA PRO A 298 -5.75 24.54 -23.22
C PRO A 298 -4.86 23.99 -24.33
N ILE A 299 -5.34 24.03 -25.57
CA ILE A 299 -4.65 23.42 -26.71
C ILE A 299 -3.31 24.08 -27.01
N HIS A 300 -3.30 25.41 -27.00
CA HIS A 300 -2.11 26.13 -27.43
C HIS A 300 -1.95 27.51 -26.80
N ASP A 301 -2.99 28.34 -26.93
CA ASP A 301 -2.85 29.78 -26.71
C ASP A 301 -2.24 30.15 -25.35
N ILE A 302 -2.86 29.70 -24.27
CA ILE A 302 -2.37 30.04 -22.94
C ILE A 302 -0.96 29.50 -22.68
N PHE A 303 -0.70 28.27 -23.10
CA PHE A 303 0.60 27.64 -22.86
C PHE A 303 1.72 28.40 -23.54
N ALA A 304 1.39 29.01 -24.66
CA ALA A 304 2.36 29.71 -25.48
C ALA A 304 2.44 31.19 -25.13
N SER A 305 1.72 31.61 -24.08
CA SER A 305 1.73 33.01 -23.67
C SER A 305 2.31 33.22 -22.27
N PRO A 306 3.64 33.37 -22.16
CA PRO A 306 4.31 33.51 -20.85
C PRO A 306 3.79 34.70 -20.07
N GLN A 307 3.50 35.79 -20.78
CA GLN A 307 3.04 37.00 -20.15
C GLN A 307 1.65 36.80 -19.51
N LYS A 308 0.87 35.88 -20.07
CA LYS A 308 -0.45 35.58 -19.52
C LYS A 308 -0.33 34.61 -18.34
N LEU A 309 0.62 33.69 -18.44
CA LEU A 309 0.88 32.71 -17.38
C LEU A 309 1.38 33.40 -16.10
N GLN A 310 2.19 34.45 -16.29
CA GLN A 310 2.74 35.20 -15.17
C GLN A 310 1.71 36.09 -14.46
N GLN A 311 0.51 36.18 -15.03
CA GLN A 311 -0.53 37.05 -14.49
C GLN A 311 -1.72 36.27 -13.92
N MET A 312 -1.63 34.95 -13.98
CA MET A 312 -2.62 34.04 -13.42
C MET A 312 -2.72 34.09 -11.89
N PRO A 313 -3.93 33.87 -11.35
CA PRO A 313 -4.09 33.81 -9.89
C PRO A 313 -3.16 32.77 -9.26
N LYS A 314 -2.78 32.98 -8.01
CA LYS A 314 -1.83 32.11 -7.33
C LYS A 314 -2.26 30.65 -7.31
N MET A 315 -3.57 30.39 -7.25
CA MET A 315 -4.04 29.00 -7.20
C MET A 315 -3.58 28.18 -8.40
N TYR A 316 -3.59 28.79 -9.57
CA TYR A 316 -3.15 28.08 -10.79
C TYR A 316 -1.65 27.80 -10.78
N LEU A 317 -0.88 28.81 -10.40
CA LEU A 317 0.56 28.65 -10.30
C LEU A 317 0.91 27.61 -9.20
N ASP A 318 0.14 27.58 -8.12
CA ASP A 318 0.36 26.58 -7.06
C ASP A 318 0.10 25.16 -7.59
N VAL A 319 -1.03 24.98 -8.27
CA VAL A 319 -1.32 23.69 -8.89
C VAL A 319 -0.22 23.25 -9.88
N LEU A 320 0.25 24.18 -10.70
CA LEU A 320 1.30 23.90 -11.67
C LEU A 320 2.62 23.49 -10.99
N ALA A 321 3.03 24.24 -9.98
CA ALA A 321 4.19 23.91 -9.19
C ALA A 321 4.09 22.52 -8.57
N SER A 322 2.91 22.18 -8.07
CA SER A 322 2.70 20.87 -7.47
C SER A 322 2.82 19.74 -8.49
N ARG A 323 2.07 19.85 -9.59
CA ARG A 323 2.05 18.79 -10.59
C ARG A 323 3.43 18.59 -11.18
N LEU A 324 4.20 19.69 -11.28
CA LEU A 324 5.55 19.62 -11.84
C LEU A 324 6.59 19.22 -10.81
N GLY A 325 6.14 18.97 -9.59
CA GLY A 325 7.01 18.58 -8.49
C GLY A 325 8.07 19.60 -8.13
N LYS A 326 7.75 20.88 -8.30
CA LYS A 326 8.70 21.92 -7.95
C LYS A 326 8.77 22.13 -6.44
N SER A 327 9.98 22.27 -5.93
CA SER A 327 10.21 22.49 -4.51
C SER A 327 10.00 23.95 -4.19
N VAL A 328 10.54 24.81 -5.05
CA VAL A 328 10.42 26.24 -4.86
C VAL A 328 10.20 26.81 -6.24
N VAL A 329 9.37 27.85 -6.33
CA VAL A 329 8.93 28.30 -7.63
C VAL A 329 9.53 29.61 -8.07
N ASP A 330 10.07 29.62 -9.28
CA ASP A 330 10.32 30.84 -10.00
C ASP A 330 9.27 30.95 -11.10
N ILE A 331 8.40 31.96 -11.00
CA ILE A 331 7.28 32.09 -11.94
C ILE A 331 7.73 32.34 -13.37
N TYR A 332 8.79 33.11 -13.55
CA TYR A 332 9.26 33.44 -14.89
C TYR A 332 9.74 32.17 -15.59
N SER A 333 10.46 31.34 -14.85
CA SER A 333 10.95 30.09 -15.40
C SER A 333 9.80 29.12 -15.67
N LEU A 334 8.91 28.95 -14.68
CA LEU A 334 7.70 28.14 -14.88
C LEU A 334 6.88 28.52 -16.13
N SER A 335 6.71 29.81 -16.35
CA SER A 335 5.94 30.31 -17.48
C SER A 335 6.59 29.97 -18.82
N GLY A 336 7.92 30.05 -18.87
CA GLY A 336 8.64 29.72 -20.08
C GLY A 336 8.60 28.23 -20.37
N GLN A 337 8.61 27.44 -19.30
CA GLN A 337 8.64 25.99 -19.45
C GLN A 337 7.36 25.38 -19.98
N MET A 338 6.20 25.98 -19.68
CA MET A 338 4.94 25.36 -20.10
C MET A 338 4.62 25.48 -21.60
N ALA A 339 5.37 26.30 -22.33
CA ALA A 339 5.20 26.42 -23.77
C ALA A 339 5.26 25.04 -24.45
N ALA A 340 6.04 24.14 -23.88
CA ALA A 340 6.23 22.81 -24.47
C ALA A 340 4.97 21.93 -24.45
N TRP A 341 3.92 22.41 -23.80
CA TRP A 341 2.69 21.61 -23.64
C TRP A 341 1.67 21.90 -24.73
N SER A 342 1.87 23.00 -25.45
CA SER A 342 1.06 23.30 -26.63
C SER A 342 1.18 22.19 -27.68
N LEU A 343 0.03 21.79 -28.21
CA LEU A 343 -0.03 20.73 -29.21
C LEU A 343 0.38 21.26 -30.59
N LYS A 344 0.45 22.58 -30.72
CA LYS A 344 1.01 23.21 -31.89
C LYS A 344 2.54 23.21 -31.77
N VAL A 345 3.06 23.60 -30.61
CA VAL A 345 4.49 23.55 -30.34
C VAL A 345 5.06 22.13 -30.46
N GLN A 346 4.24 21.14 -30.16
CA GLN A 346 4.66 19.74 -30.29
C GLN A 346 4.55 19.19 -31.72
N GLY A 347 3.84 19.90 -32.59
CA GLY A 347 3.80 19.59 -34.02
C GLY A 347 2.56 18.86 -34.51
N PHE A 348 1.57 18.73 -33.63
CA PHE A 348 0.37 17.97 -33.94
C PHE A 348 -0.67 18.76 -34.73
N LEU A 349 -0.44 20.05 -34.88
CA LEU A 349 -1.47 20.92 -35.46
C LEU A 349 -0.97 21.73 -36.65
N SER A 350 -0.18 21.08 -37.51
CA SER A 350 0.47 21.76 -38.63
C SER A 350 0.08 21.23 -40.00
N SER A 351 0.11 19.91 -40.17
CA SER A 351 -0.12 19.35 -41.51
C SER A 351 -0.93 18.05 -41.50
N ARG A 352 -0.52 17.12 -40.65
CA ARG A 352 -1.15 15.81 -40.58
C ARG A 352 -2.59 15.86 -40.07
N LYS A 353 -3.49 15.22 -40.81
CA LYS A 353 -4.87 15.09 -40.41
C LYS A 353 -5.02 13.81 -39.60
N THR A 354 -6.11 13.71 -38.83
CA THR A 354 -6.44 12.44 -38.20
C THR A 354 -7.79 11.92 -38.70
N LYS A 355 -7.90 10.60 -38.81
CA LYS A 355 -9.15 9.97 -39.24
C LYS A 355 -10.20 10.06 -38.13
N VAL A 356 -9.73 10.29 -36.91
CA VAL A 356 -10.58 10.47 -35.74
C VAL A 356 -11.39 11.76 -35.83
N PRO A 357 -12.72 11.65 -35.81
CA PRO A 357 -13.51 12.87 -35.76
C PRO A 357 -13.47 13.45 -34.34
N ILE A 358 -12.97 14.66 -34.22
CA ILE A 358 -12.87 15.34 -32.94
C ILE A 358 -13.86 16.51 -32.90
N LEU A 359 -14.70 16.52 -31.88
CA LEU A 359 -15.54 17.66 -31.60
C LEU A 359 -14.87 18.45 -30.49
N ALA A 360 -14.58 19.72 -30.75
CA ALA A 360 -13.79 20.54 -29.85
C ALA A 360 -14.57 21.78 -29.46
N MET A 361 -14.93 21.87 -28.19
CA MET A 361 -15.79 22.93 -27.72
C MET A 361 -15.15 23.65 -26.56
N SER A 362 -15.55 24.90 -26.39
CA SER A 362 -15.31 25.62 -25.15
C SER A 362 -16.38 26.69 -25.07
N LEU A 363 -16.58 27.24 -23.86
CA LEU A 363 -17.58 28.27 -23.66
C LEU A 363 -17.07 29.61 -24.17
N GLU A 364 -17.98 30.44 -24.66
CA GLU A 364 -17.61 31.76 -25.18
C GLU A 364 -16.81 32.56 -24.15
N GLY A 365 -15.66 33.06 -24.59
CA GLY A 365 -14.80 33.83 -23.72
C GLY A 365 -14.13 33.03 -22.63
N ASP A 366 -13.85 31.75 -22.89
CA ASP A 366 -13.00 30.98 -22.02
C ASP A 366 -11.56 31.34 -22.35
N PRO A 367 -10.89 32.07 -21.44
CA PRO A 367 -9.54 32.56 -21.72
C PRO A 367 -8.52 31.43 -21.72
N VAL A 368 -8.91 30.29 -21.14
CA VAL A 368 -8.05 29.12 -21.08
C VAL A 368 -8.19 28.31 -22.36
N SER A 369 -9.37 28.40 -23.00
CA SER A 369 -9.64 27.64 -24.21
C SER A 369 -10.31 28.48 -25.30
N PRO A 370 -9.53 29.30 -26.01
CA PRO A 370 -10.12 30.16 -27.02
C PRO A 370 -10.70 29.38 -28.20
N TYR A 371 -11.63 29.99 -28.91
CA TYR A 371 -12.23 29.37 -30.09
C TYR A 371 -11.12 29.03 -31.12
N SER A 372 -10.15 29.93 -31.25
CA SER A 372 -8.98 29.70 -32.09
C SER A 372 -8.23 28.39 -31.80
N ASP A 373 -8.12 28.05 -30.52
CA ASP A 373 -7.55 26.76 -30.14
C ASP A 373 -8.35 25.59 -30.72
N ASN A 374 -9.65 25.61 -30.46
CA ASN A 374 -10.56 24.58 -30.94
C ASN A 374 -10.73 24.51 -32.46
N GLN A 375 -10.64 25.66 -33.12
CA GLN A 375 -10.62 25.71 -34.58
C GLN A 375 -9.42 24.97 -35.17
N MET A 376 -8.25 25.15 -34.56
CA MET A 376 -7.06 24.42 -34.98
C MET A 376 -7.27 22.92 -34.94
N VAL A 377 -7.68 22.44 -33.78
CA VAL A 377 -7.93 21.02 -33.60
C VAL A 377 -8.93 20.51 -34.64
N ALA A 378 -10.00 21.27 -34.86
CA ALA A 378 -11.11 20.77 -35.66
C ALA A 378 -10.70 20.63 -37.11
N PHE A 379 -9.85 21.53 -37.57
CA PHE A 379 -9.43 21.49 -38.96
C PHE A 379 -8.60 20.26 -39.26
N PHE A 380 -7.80 19.82 -38.29
CA PHE A 380 -6.90 18.69 -38.50
C PHE A 380 -7.54 17.35 -38.16
N SER A 381 -8.87 17.34 -38.15
CA SER A 381 -9.64 16.14 -37.84
C SER A 381 -10.62 15.88 -38.97
N THR A 382 -10.70 14.63 -39.43
CA THR A 382 -11.63 14.28 -40.50
C THR A 382 -13.05 14.17 -39.96
N TYR A 383 -13.90 15.05 -40.49
CA TYR A 383 -15.27 15.26 -40.03
C TYR A 383 -15.26 15.89 -38.62
N GLY A 384 -14.17 16.59 -38.30
CA GLY A 384 -14.04 17.33 -37.06
C GLY A 384 -14.86 18.60 -37.04
N LYS A 385 -14.90 19.27 -35.88
CA LYS A 385 -15.78 20.40 -35.68
C LYS A 385 -15.46 21.15 -34.39
N ALA A 386 -15.33 22.47 -34.49
CA ALA A 386 -15.14 23.30 -33.32
C ALA A 386 -16.44 24.04 -33.03
N LYS A 387 -16.69 24.35 -31.76
CA LYS A 387 -17.85 25.15 -31.41
C LYS A 387 -17.53 26.17 -30.30
N LYS A 388 -18.02 27.39 -30.47
CA LYS A 388 -17.99 28.39 -29.42
C LYS A 388 -19.37 28.41 -28.79
N ILE A 389 -19.47 27.87 -27.58
CA ILE A 389 -20.76 27.70 -26.94
C ILE A 389 -21.22 29.02 -26.34
N SER A 390 -22.26 29.60 -26.94
CA SER A 390 -22.90 30.79 -26.42
C SER A 390 -24.12 30.39 -25.62
N SER A 391 -24.29 31.02 -24.46
CA SER A 391 -25.47 30.76 -23.63
C SER A 391 -25.71 31.92 -22.66
N LYS A 392 -26.94 31.98 -22.13
CA LYS A 392 -27.28 32.98 -21.12
C LYS A 392 -26.61 32.68 -19.80
N THR A 393 -26.60 31.41 -19.41
CA THR A 393 -25.97 30.98 -18.16
C THR A 393 -24.84 30.01 -18.43
N ILE A 394 -23.95 29.85 -17.46
CA ILE A 394 -22.86 28.91 -17.60
C ILE A 394 -23.38 27.47 -17.60
N THR A 395 -24.38 27.21 -16.75
CA THR A 395 -24.96 25.87 -16.67
C THR A 395 -25.55 25.45 -18.01
N GLN A 396 -26.21 26.38 -18.67
CA GLN A 396 -26.77 26.09 -19.98
C GLN A 396 -25.67 25.74 -20.98
N GLY A 397 -24.56 26.46 -20.90
CA GLY A 397 -23.38 26.18 -21.70
C GLY A 397 -22.82 24.81 -21.43
N TYR A 398 -22.68 24.46 -20.15
CA TYR A 398 -22.23 23.11 -19.80
C TYR A 398 -23.17 22.06 -20.38
N GLU A 399 -24.47 22.27 -20.17
CA GLU A 399 -25.46 21.28 -20.59
C GLU A 399 -25.59 21.13 -22.11
N GLN A 400 -25.52 22.24 -22.85
CA GLN A 400 -25.44 22.18 -24.32
C GLN A 400 -24.22 21.39 -24.76
N SER A 401 -23.06 21.73 -24.17
CA SER A 401 -21.79 21.11 -24.54
C SER A 401 -21.88 19.59 -24.41
N LEU A 402 -22.42 19.18 -23.28
CA LEU A 402 -22.54 17.77 -22.95
C LEU A 402 -23.56 17.06 -23.83
N ASP A 403 -24.61 17.78 -24.22
CA ASP A 403 -25.59 17.21 -25.15
C ASP A 403 -24.96 16.94 -26.54
N LEU A 404 -24.15 17.89 -27.01
CA LEU A 404 -23.41 17.78 -28.26
C LEU A 404 -22.38 16.65 -28.22
N ALA A 405 -21.82 16.45 -27.03
CA ALA A 405 -20.83 15.41 -26.78
C ALA A 405 -21.43 14.04 -26.95
N ILE A 406 -22.57 13.82 -26.30
CA ILE A 406 -23.20 12.50 -26.31
C ILE A 406 -23.72 12.17 -27.72
N LYS A 407 -24.21 13.19 -28.43
CA LYS A 407 -24.65 13.01 -29.82
C LYS A 407 -23.50 12.58 -30.72
N TRP A 408 -22.34 13.20 -30.51
CA TRP A 408 -21.13 12.88 -31.26
C TRP A 408 -20.76 11.42 -31.00
N LEU A 409 -20.82 11.02 -29.74
CA LEU A 409 -20.47 9.65 -29.37
C LEU A 409 -21.52 8.66 -29.84
N GLU A 410 -22.78 9.07 -29.76
CA GLU A 410 -23.87 8.29 -30.31
C GLU A 410 -23.63 8.03 -31.80
N ASP A 411 -23.29 9.09 -32.54
CA ASP A 411 -23.09 8.98 -33.99
C ASP A 411 -21.87 8.17 -34.40
N GLU A 412 -20.77 8.32 -33.66
CA GLU A 412 -19.51 7.74 -34.10
C GLU A 412 -19.16 6.43 -33.42
N LEU A 413 -19.64 6.26 -32.18
CA LEU A 413 -19.37 5.06 -31.39
C LEU A 413 -20.44 3.98 -31.52
N LEU A 414 -21.72 4.35 -31.48
CA LEU A 414 -22.80 3.36 -31.64
C LEU A 414 -23.14 3.23 -33.11
N ARG A 415 -22.10 3.19 -33.94
CA ARG A 415 -22.20 3.38 -35.39
C ARG A 415 -22.72 2.15 -36.18
N LYS B 18 22.03 -17.46 -11.99
CA LYS B 18 23.20 -17.47 -11.13
C LYS B 18 23.77 -18.88 -10.99
N GLN B 19 25.09 -18.98 -10.93
CA GLN B 19 25.76 -20.19 -10.45
C GLN B 19 26.09 -20.00 -8.97
N ALA B 20 25.22 -19.29 -8.25
CA ALA B 20 25.48 -18.93 -6.86
C ALA B 20 25.73 -20.15 -5.96
N LYS B 21 26.47 -19.91 -4.89
CA LYS B 21 26.89 -20.93 -3.93
C LYS B 21 25.68 -21.57 -3.22
N GLU B 22 25.57 -22.89 -3.26
CA GLU B 22 24.40 -23.57 -2.71
C GLU B 22 24.38 -23.50 -1.18
N THR B 23 23.18 -23.26 -0.64
CA THR B 23 22.93 -23.01 0.78
C THR B 23 23.70 -23.92 1.74
N SER B 24 23.58 -25.22 1.56
CA SER B 24 24.20 -26.17 2.47
C SER B 24 25.73 -26.14 2.45
N ALA B 25 26.31 -25.49 1.45
CA ALA B 25 27.76 -25.52 1.27
C ALA B 25 28.37 -24.24 1.83
N LEU B 26 27.52 -23.27 2.12
CA LEU B 26 27.94 -21.94 2.56
C LEU B 26 28.74 -21.91 3.85
N THR B 27 28.23 -22.58 4.88
CA THR B 27 28.86 -22.54 6.20
C THR B 27 30.20 -23.28 6.20
N GLN B 28 31.23 -22.62 6.72
CA GLN B 28 32.58 -23.18 6.78
C GLN B 28 32.86 -23.86 8.14
N TYR B 29 33.30 -25.12 8.08
CA TYR B 29 33.57 -25.92 9.27
C TYR B 29 35.05 -26.34 9.29
N MET B 30 35.64 -26.42 10.48
CA MET B 30 36.96 -27.02 10.65
C MET B 30 36.87 -28.47 10.19
N PRO B 31 37.99 -29.04 9.71
CA PRO B 31 37.93 -30.42 9.23
C PRO B 31 37.42 -31.40 10.26
N THR B 32 37.79 -31.23 11.54
CA THR B 32 37.32 -32.15 12.55
C THR B 32 35.80 -32.04 12.75
N SER B 33 35.26 -30.83 12.59
CA SER B 33 33.81 -30.64 12.68
C SER B 33 33.07 -31.19 11.45
N GLN B 34 33.69 -31.11 10.27
CA GLN B 34 33.09 -31.66 9.05
C GLN B 34 32.92 -33.16 9.22
N SER B 35 33.89 -33.78 9.87
CA SER B 35 33.81 -35.19 10.17
C SER B 35 32.66 -35.46 11.14
N LEU B 36 32.40 -34.54 12.07
CA LEU B 36 31.29 -34.74 12.99
C LEU B 36 29.96 -34.62 12.22
N LEU B 37 29.88 -33.68 11.29
CA LEU B 37 28.70 -33.51 10.45
C LEU B 37 28.45 -34.74 9.60
N ASP B 38 29.52 -35.37 9.13
CA ASP B 38 29.35 -36.54 8.28
C ASP B 38 28.81 -37.72 9.08
N GLU B 39 29.24 -37.79 10.34
CA GLU B 39 28.76 -38.80 11.28
C GLU B 39 27.26 -38.63 11.60
N ILE B 40 26.85 -37.38 11.77
CA ILE B 40 25.46 -37.04 12.02
C ILE B 40 24.56 -37.39 10.83
N LYS B 41 24.99 -36.98 9.64
CA LYS B 41 24.23 -37.24 8.41
C LYS B 41 24.04 -38.73 8.20
N GLU B 42 25.11 -39.48 8.38
CA GLU B 42 25.06 -40.94 8.19
C GLU B 42 24.13 -41.62 9.20
N LYS B 43 24.08 -41.13 10.43
CA LYS B 43 23.19 -41.72 11.43
C LYS B 43 21.73 -41.32 11.21
N ASN B 44 21.52 -40.05 10.88
CA ASN B 44 20.18 -39.51 10.63
C ASN B 44 19.54 -40.18 9.43
N GLY B 45 20.29 -40.24 8.33
CA GLY B 45 19.81 -40.78 7.07
C GLY B 45 18.79 -39.86 6.39
N PHE B 46 18.65 -38.63 6.90
CA PHE B 46 17.62 -37.71 6.41
C PHE B 46 17.77 -37.42 4.91
N SER B 47 16.66 -37.27 4.20
CA SER B 47 16.76 -37.01 2.76
C SER B 47 16.65 -35.52 2.44
N TRP B 48 16.71 -34.70 3.48
CA TRP B 48 16.66 -33.26 3.31
C TRP B 48 17.73 -32.60 4.17
N TYR B 49 18.41 -31.59 3.60
CA TYR B 49 19.27 -30.70 4.39
C TYR B 49 18.43 -29.87 5.35
N ARG B 50 17.48 -29.12 4.80
CA ARG B 50 16.57 -28.30 5.58
C ARG B 50 15.64 -29.15 6.44
N ASN B 51 15.31 -28.65 7.63
CA ASN B 51 14.22 -29.22 8.39
C ASN B 51 12.94 -28.73 7.73
N LEU B 52 12.23 -29.64 7.07
CA LEU B 52 10.96 -29.33 6.44
C LEU B 52 9.92 -29.05 7.51
N ARG B 53 9.11 -28.02 7.29
CA ARG B 53 8.00 -27.74 8.18
C ARG B 53 6.68 -27.66 7.41
N ARG B 54 6.34 -28.76 6.73
CA ARG B 54 5.16 -28.80 5.88
C ARG B 54 3.88 -28.32 6.55
N LEU B 55 3.64 -28.78 7.78
CA LEU B 55 2.40 -28.48 8.48
C LEU B 55 2.39 -27.04 9.02
N GLN B 56 3.55 -26.59 9.49
CA GLN B 56 3.70 -25.21 9.93
C GLN B 56 3.49 -24.28 8.76
N TRP B 57 4.11 -24.62 7.62
CA TRP B 57 3.96 -23.77 6.44
C TRP B 57 2.51 -23.65 5.98
N VAL B 58 1.79 -24.76 5.93
CA VAL B 58 0.37 -24.72 5.58
C VAL B 58 -0.42 -23.84 6.56
N TRP B 59 -0.24 -24.10 7.85
CA TRP B 59 -0.72 -23.25 8.95
C TRP B 59 -0.54 -21.75 8.66
N GLN B 60 0.68 -21.37 8.27
CA GLN B 60 0.96 -19.98 7.95
C GLN B 60 0.33 -19.47 6.65
N GLY B 61 -0.10 -20.37 5.76
CA GLY B 61 -0.77 -19.93 4.55
C GLY B 61 -0.36 -20.54 3.21
N VAL B 62 0.49 -21.57 3.23
CA VAL B 62 0.77 -22.29 1.98
C VAL B 62 -0.32 -23.32 1.75
N ASP B 63 -0.78 -23.45 0.51
CA ASP B 63 -1.71 -24.51 0.16
C ASP B 63 -0.93 -25.82 0.07
N PRO B 64 -1.44 -26.88 0.73
CA PRO B 64 -0.76 -28.19 0.80
C PRO B 64 -0.48 -28.82 -0.56
N ILE B 65 -1.37 -28.60 -1.53
CA ILE B 65 -1.19 -29.19 -2.86
C ILE B 65 -0.04 -28.51 -3.58
N GLU B 66 -0.04 -27.18 -3.58
CA GLU B 66 1.02 -26.41 -4.24
C GLU B 66 2.37 -26.56 -3.52
N GLN B 67 2.31 -26.70 -2.20
CA GLN B 67 3.49 -27.11 -1.43
C GLN B 67 4.05 -28.42 -2.00
N GLU B 68 3.19 -29.39 -2.26
CA GLU B 68 3.69 -30.68 -2.69
C GLU B 68 4.20 -30.60 -4.12
N GLN B 69 3.58 -29.75 -4.92
CA GLN B 69 4.04 -29.55 -6.30
C GLN B 69 5.46 -28.94 -6.30
N VAL B 70 5.71 -27.99 -5.41
CA VAL B 70 7.03 -27.36 -5.29
C VAL B 70 8.09 -28.33 -4.78
N LEU B 71 7.77 -29.04 -3.70
CA LEU B 71 8.70 -29.99 -3.13
C LEU B 71 9.01 -31.14 -4.08
N ALA B 72 8.03 -31.52 -4.91
CA ALA B 72 8.22 -32.57 -5.91
C ALA B 72 9.19 -32.15 -7.02
N ARG B 73 9.08 -30.89 -7.47
CA ARG B 73 10.03 -30.34 -8.44
C ARG B 73 11.44 -30.31 -7.84
N ILE B 74 11.52 -30.06 -6.53
CA ILE B 74 12.81 -30.05 -5.85
C ILE B 74 13.38 -31.46 -5.70
N ALA B 75 12.56 -32.37 -5.17
CA ALA B 75 12.98 -33.75 -4.89
C ALA B 75 13.34 -34.58 -6.13
N SER B 76 12.59 -34.39 -7.21
CA SER B 76 12.77 -35.21 -8.42
C SER B 76 13.78 -34.65 -9.40
N SER B 77 14.27 -33.43 -9.15
CA SER B 77 15.23 -32.82 -10.06
C SER B 77 16.42 -33.73 -10.33
N LYS B 78 16.93 -33.67 -11.55
CA LYS B 78 18.06 -34.47 -11.99
C LYS B 78 19.32 -33.62 -11.96
N HIS B 79 19.14 -32.33 -11.68
CA HIS B 79 20.29 -31.44 -11.58
C HIS B 79 21.18 -31.81 -10.42
N SER B 80 22.47 -31.48 -10.57
CA SER B 80 23.48 -31.86 -9.59
C SER B 80 23.28 -31.20 -8.23
N ARG B 81 23.37 -32.02 -7.20
CA ARG B 81 23.20 -31.59 -5.82
C ARG B 81 24.55 -31.48 -5.11
N THR B 82 24.62 -30.63 -4.11
CA THR B 82 25.79 -30.53 -3.26
C THR B 82 25.98 -31.88 -2.58
N ASP B 83 24.86 -32.50 -2.21
CA ASP B 83 24.87 -33.81 -1.58
C ASP B 83 23.61 -34.54 -2.05
N GLU B 84 23.79 -35.62 -2.80
CA GLU B 84 22.64 -36.31 -3.40
C GLU B 84 21.68 -36.88 -2.36
N GLN B 85 22.18 -37.13 -1.16
CA GLN B 85 21.30 -37.59 -0.08
C GLN B 85 20.30 -36.51 0.30
N TRP B 86 20.72 -35.25 0.19
CA TRP B 86 19.88 -34.11 0.52
C TRP B 86 19.19 -33.53 -0.73
N LEU B 87 17.90 -33.85 -0.89
CA LEU B 87 17.11 -33.56 -2.07
C LEU B 87 17.00 -32.08 -2.43
N ASP B 88 17.03 -31.25 -1.40
CA ASP B 88 16.95 -29.80 -1.55
C ASP B 88 18.30 -29.09 -1.81
N THR B 89 19.36 -29.84 -2.14
CA THR B 89 20.66 -29.17 -2.36
C THR B 89 21.12 -29.02 -3.81
N VAL B 90 20.18 -28.99 -4.74
CA VAL B 90 20.49 -28.66 -6.14
C VAL B 90 21.23 -27.32 -6.19
N MET B 91 22.35 -27.30 -6.91
CA MET B 91 23.20 -26.12 -6.99
C MET B 91 22.81 -25.20 -8.13
N GLY B 92 22.68 -23.90 -7.84
CA GLY B 92 22.42 -22.91 -8.87
C GLY B 92 20.97 -22.53 -8.99
N TYR B 93 20.72 -21.27 -9.35
CA TYR B 93 19.36 -20.75 -9.46
C TYR B 93 18.68 -21.24 -10.73
N HIS B 94 18.20 -22.47 -10.69
CA HIS B 94 17.46 -23.01 -11.83
C HIS B 94 16.62 -24.17 -11.36
N SER B 95 15.99 -24.88 -12.30
CA SER B 95 15.03 -25.93 -11.95
C SER B 95 15.61 -26.87 -10.89
N GLY B 96 14.81 -27.16 -9.86
CA GLY B 96 15.24 -28.09 -8.83
C GLY B 96 15.76 -27.39 -7.58
N ASN B 97 16.22 -26.16 -7.73
CA ASN B 97 16.81 -25.42 -6.60
C ASN B 97 15.72 -24.96 -5.65
N TRP B 98 16.01 -25.07 -4.35
CA TRP B 98 15.06 -24.68 -3.30
C TRP B 98 14.55 -23.25 -3.51
N ALA B 99 15.46 -22.28 -3.53
CA ALA B 99 15.06 -20.88 -3.62
C ALA B 99 14.29 -20.63 -4.92
N TYR B 100 14.81 -21.21 -6.01
CA TYR B 100 14.22 -21.07 -7.33
C TYR B 100 12.77 -21.53 -7.34
N GLU B 101 12.55 -22.77 -6.87
CA GLU B 101 11.21 -23.38 -6.95
C GLU B 101 10.20 -22.69 -6.05
N TRP B 102 10.59 -22.34 -4.82
CA TRP B 102 9.66 -21.64 -3.94
C TRP B 102 9.39 -20.24 -4.45
N THR B 103 10.40 -19.59 -5.03
CA THR B 103 10.18 -18.25 -5.57
C THR B 103 9.19 -18.29 -6.74
N ARG B 104 9.27 -19.34 -7.56
CA ARG B 104 8.30 -19.53 -8.63
C ARG B 104 6.86 -19.52 -8.14
N LEU B 105 6.62 -20.16 -6.99
CA LEU B 105 5.30 -20.22 -6.41
C LEU B 105 4.83 -18.84 -5.91
N GLY B 106 5.72 -18.09 -5.27
CA GLY B 106 5.38 -16.76 -4.82
C GLY B 106 4.99 -15.87 -5.98
N MET B 107 5.69 -16.03 -7.09
CA MET B 107 5.39 -15.24 -8.29
C MET B 107 4.06 -15.66 -8.89
N GLU B 108 3.76 -16.95 -8.85
CA GLU B 108 2.45 -17.44 -9.23
C GLU B 108 1.35 -16.76 -8.38
N HIS B 109 1.58 -16.65 -7.08
CA HIS B 109 0.65 -15.92 -6.21
C HIS B 109 0.51 -14.45 -6.57
N GLN B 110 1.61 -13.79 -6.86
CA GLN B 110 1.54 -12.40 -7.27
C GLN B 110 0.70 -12.25 -8.54
N LYS B 111 0.99 -13.09 -9.55
CA LYS B 111 0.23 -13.10 -10.81
C LYS B 111 -1.27 -13.26 -10.55
N ARG B 112 -1.63 -14.25 -9.74
CA ARG B 112 -3.03 -14.56 -9.43
C ARG B 112 -3.73 -13.43 -8.67
N ALA B 113 -3.00 -12.74 -7.81
CA ALA B 113 -3.57 -11.62 -7.05
C ALA B 113 -3.97 -10.46 -7.97
N GLY B 114 -3.37 -10.42 -9.16
CA GLY B 114 -3.61 -9.36 -10.11
C GLY B 114 -5.02 -9.35 -10.65
N GLU B 115 -5.70 -10.50 -10.62
CA GLU B 115 -7.06 -10.57 -11.15
C GLU B 115 -8.09 -10.77 -10.04
N MET B 116 -7.75 -10.38 -8.82
CA MET B 116 -8.62 -10.58 -7.68
C MET B 116 -9.17 -9.27 -7.13
N THR B 117 -10.31 -9.36 -6.46
CA THR B 117 -10.84 -8.26 -5.64
C THR B 117 -9.87 -8.01 -4.48
N ASN B 118 -9.81 -6.77 -3.99
CA ASN B 118 -8.86 -6.33 -2.95
C ASN B 118 -8.64 -7.27 -1.78
N GLU B 119 -9.74 -7.75 -1.19
CA GLU B 119 -9.66 -8.67 -0.06
C GLU B 119 -8.93 -9.94 -0.46
N ALA B 120 -9.36 -10.53 -1.57
CA ALA B 120 -8.77 -11.77 -2.03
C ALA B 120 -7.31 -11.56 -2.46
N ALA B 121 -7.06 -10.50 -3.23
CA ALA B 121 -5.72 -10.12 -3.64
C ALA B 121 -4.76 -10.06 -2.44
N SER B 122 -5.17 -9.39 -1.38
CA SER B 122 -4.28 -9.27 -0.23
C SER B 122 -3.88 -10.66 0.30
N GLU B 123 -4.84 -11.58 0.40
CA GLU B 123 -4.50 -12.92 0.89
C GLU B 123 -3.52 -13.64 -0.01
N ALA B 124 -3.69 -13.46 -1.32
CA ALA B 124 -2.77 -14.03 -2.30
C ALA B 124 -1.36 -13.41 -2.18
N LEU B 125 -1.30 -12.10 -1.94
CA LEU B 125 -0.01 -11.41 -1.77
C LEU B 125 0.66 -11.77 -0.44
N PHE B 126 -0.14 -11.99 0.59
CA PHE B 126 0.41 -12.47 1.86
C PHE B 126 0.95 -13.88 1.65
N SER B 127 0.23 -14.68 0.86
CA SER B 127 0.71 -16.01 0.52
C SER B 127 2.01 -15.97 -0.27
N ALA B 128 2.11 -14.99 -1.17
CA ALA B 128 3.33 -14.81 -1.96
C ALA B 128 4.52 -14.46 -1.05
N SER B 129 4.28 -13.54 -0.11
CA SER B 129 5.28 -13.16 0.88
C SER B 129 5.83 -14.37 1.61
N LEU B 130 4.92 -15.23 2.05
CA LEU B 130 5.27 -16.47 2.74
C LEU B 130 6.13 -17.41 1.87
N CYS B 131 5.78 -17.54 0.58
CA CYS B 131 6.53 -18.44 -0.28
C CYS B 131 7.98 -17.95 -0.43
N TYR B 132 8.14 -16.63 -0.45
CA TYR B 132 9.42 -15.98 -0.64
C TYR B 132 10.28 -16.17 0.59
N SER B 133 9.66 -16.05 1.76
CA SER B 133 10.33 -16.35 3.01
C SER B 133 10.78 -17.82 3.03
N ILE B 134 9.89 -18.72 2.63
CA ILE B 134 10.27 -20.14 2.61
C ILE B 134 11.43 -20.38 1.62
N ALA B 135 11.41 -19.65 0.50
CA ALA B 135 12.48 -19.73 -0.50
C ALA B 135 13.83 -19.42 0.12
N GLY B 136 13.86 -18.47 1.05
CA GLY B 136 15.09 -18.06 1.69
C GLY B 136 15.50 -18.90 2.90
N TYR B 137 14.50 -19.50 3.55
CA TYR B 137 14.71 -20.35 4.72
C TYR B 137 15.86 -21.33 4.46
N PRO B 138 16.79 -21.47 5.41
CA PRO B 138 16.80 -20.92 6.78
C PRO B 138 17.51 -19.57 6.92
N HIS B 139 17.67 -18.84 5.82
CA HIS B 139 18.17 -17.46 5.84
C HIS B 139 19.57 -17.29 6.39
N LEU B 140 20.50 -18.08 5.86
CA LEU B 140 21.91 -17.89 6.22
C LEU B 140 22.38 -16.55 5.65
N LYS B 141 23.22 -15.83 6.37
CA LYS B 141 23.51 -14.45 5.96
C LYS B 141 24.37 -14.32 4.70
N SER B 142 25.10 -15.37 4.35
CA SER B 142 25.92 -15.32 3.14
C SER B 142 25.21 -15.92 1.90
N ASP B 143 23.94 -16.26 2.07
CA ASP B 143 23.16 -16.91 1.03
C ASP B 143 22.60 -15.86 0.09
N ASN B 144 23.25 -15.67 -1.05
CA ASN B 144 22.84 -14.65 -2.00
C ASN B 144 21.41 -14.82 -2.48
N LEU B 145 21.02 -16.06 -2.76
CA LEU B 145 19.65 -16.33 -3.20
C LEU B 145 18.60 -16.01 -2.12
N ALA B 146 18.91 -16.32 -0.85
CA ALA B 146 17.98 -16.08 0.25
C ALA B 146 17.82 -14.58 0.53
N ILE B 147 18.91 -13.83 0.35
CA ILE B 147 18.85 -12.38 0.49
C ILE B 147 17.83 -11.81 -0.51
N GLN B 148 17.95 -12.19 -1.79
CA GLN B 148 16.99 -11.76 -2.80
C GLN B 148 15.57 -12.23 -2.47
N ALA B 149 15.46 -13.40 -1.85
CA ALA B 149 14.14 -13.93 -1.49
C ALA B 149 13.52 -13.08 -0.40
N GLN B 150 14.36 -12.57 0.49
CA GLN B 150 13.90 -11.71 1.58
C GLN B 150 13.35 -10.39 1.05
N VAL B 151 14.08 -9.78 0.11
CA VAL B 151 13.60 -8.55 -0.52
C VAL B 151 12.18 -8.77 -1.06
N LEU B 152 11.99 -9.86 -1.81
CA LEU B 152 10.67 -10.20 -2.37
C LEU B 152 9.62 -10.43 -1.27
N ALA B 153 10.04 -11.06 -0.17
CA ALA B 153 9.14 -11.30 0.96
C ALA B 153 8.61 -9.97 1.54
N ASN B 154 9.53 -9.03 1.74
N ASN B 154 9.52 -9.03 1.78
CA ASN B 154 9.18 -7.72 2.25
CA ASN B 154 9.13 -7.69 2.24
C ASN B 154 8.39 -6.85 1.27
C ASN B 154 8.24 -6.99 1.23
N SER B 155 8.66 -7.01 -0.03
CA SER B 155 7.95 -6.25 -1.04
C SER B 155 6.51 -6.75 -1.14
N ALA B 156 6.35 -8.08 -1.13
CA ALA B 156 5.01 -8.67 -1.25
C ALA B 156 4.14 -8.36 -0.03
N TYR B 157 4.74 -8.34 1.16
CA TYR B 157 3.99 -8.07 2.39
C TYR B 157 3.46 -6.65 2.41
N LEU B 158 4.25 -5.70 1.92
CA LEU B 158 3.77 -4.31 1.86
C LEU B 158 2.64 -4.13 0.84
N GLU B 159 2.70 -4.87 -0.27
CA GLU B 159 1.61 -4.85 -1.25
C GLU B 159 0.34 -5.46 -0.69
N ALA B 160 0.47 -6.62 -0.05
CA ALA B 160 -0.65 -7.22 0.65
C ALA B 160 -1.25 -6.21 1.63
N ALA B 161 -0.37 -5.52 2.36
CA ALA B 161 -0.80 -4.51 3.34
C ALA B 161 -1.70 -3.43 2.75
N LYS B 162 -1.31 -2.91 1.58
CA LYS B 162 -2.07 -1.84 0.93
C LYS B 162 -3.42 -2.33 0.40
N LYS B 163 -3.48 -3.59 0.02
CA LYS B 163 -4.73 -4.16 -0.48
C LYS B 163 -5.68 -4.48 0.66
N SER B 164 -5.10 -4.83 1.81
CA SER B 164 -5.90 -5.25 2.97
C SER B 164 -6.77 -4.14 3.53
N LYS B 165 -7.99 -4.53 3.94
CA LYS B 165 -8.84 -3.65 4.73
C LYS B 165 -8.24 -3.35 6.11
N TYR B 166 -7.31 -4.20 6.56
CA TYR B 166 -6.64 -3.92 7.83
C TYR B 166 -5.49 -2.92 7.64
N ILE B 167 -5.18 -2.22 8.72
CA ILE B 167 -4.07 -1.29 8.74
C ILE B 167 -2.76 -2.02 9.04
N ILE B 168 -1.86 -2.06 8.06
CA ILE B 168 -0.51 -2.56 8.31
C ILE B 168 0.53 -1.45 8.07
N LYS B 169 1.18 -1.02 9.15
CA LYS B 169 2.15 0.06 9.08
C LYS B 169 3.54 -0.48 9.41
N GLN B 170 4.50 -0.29 8.49
CA GLN B 170 5.91 -0.57 8.81
C GLN B 170 6.48 0.61 9.58
N LEU B 171 6.88 0.39 10.83
CA LEU B 171 7.44 1.44 11.68
C LEU B 171 8.96 1.28 11.78
N GLU B 172 9.65 2.38 12.04
CA GLU B 172 11.08 2.35 12.27
C GLU B 172 11.36 3.02 13.60
N ILE B 173 11.95 2.25 14.51
CA ILE B 173 12.24 2.72 15.87
C ILE B 173 13.73 2.92 16.07
N PRO B 174 14.14 4.16 16.38
CA PRO B 174 15.56 4.47 16.62
C PRO B 174 16.10 3.68 17.80
N PHE B 175 17.33 3.20 17.68
CA PHE B 175 18.00 2.45 18.72
C PHE B 175 19.46 2.17 18.34
N GLU B 176 20.39 2.63 19.18
CA GLU B 176 21.81 2.30 19.07
C GLU B 176 22.44 2.53 17.69
N LYS B 177 22.33 3.76 17.21
CA LYS B 177 22.84 4.15 15.89
C LYS B 177 22.21 3.36 14.74
N GLY B 178 20.99 2.90 14.94
CA GLY B 178 20.26 2.17 13.91
C GLY B 178 18.75 2.31 14.02
N LYS B 179 18.04 1.56 13.18
CA LYS B 179 16.59 1.51 13.23
C LYS B 179 16.12 0.07 13.43
N ILE B 180 15.25 -0.14 14.41
CA ILE B 180 14.51 -1.39 14.51
C ILE B 180 13.28 -1.32 13.63
N THR B 181 13.17 -2.21 12.65
CA THR B 181 11.99 -2.20 11.81
C THR B 181 10.95 -3.15 12.40
N ALA B 182 9.72 -2.67 12.56
CA ALA B 182 8.62 -3.46 13.10
C ALA B 182 7.35 -3.28 12.25
N HIS B 183 6.49 -4.30 12.25
CA HIS B 183 5.22 -4.17 11.54
C HIS B 183 4.05 -4.14 12.49
N LEU B 184 3.29 -3.06 12.41
CA LEU B 184 2.12 -2.86 13.25
C LEU B 184 0.87 -3.23 12.47
N HIS B 185 0.08 -4.11 13.04
CA HIS B 185 -1.14 -4.57 12.42
C HIS B 185 -2.30 -4.09 13.27
N LEU B 186 -3.23 -3.37 12.67
CA LEU B 186 -4.35 -2.82 13.33
C LEU B 186 -5.64 -3.15 12.64
N THR B 187 -6.61 -3.47 13.46
CA THR B 187 -7.90 -3.77 13.01
C THR B 187 -8.60 -2.49 12.46
N ASN B 188 -8.34 -1.37 13.11
CA ASN B 188 -8.84 -0.03 12.76
C ASN B 188 -8.12 1.03 13.59
N THR B 189 -8.48 2.28 13.37
CA THR B 189 -7.97 3.41 14.14
C THR B 189 -9.07 4.05 14.99
N ASP B 190 -10.18 3.39 15.19
CA ASP B 190 -11.24 3.89 16.06
C ASP B 190 -10.79 4.35 17.43
N LYS B 191 -10.15 3.47 18.19
CA LYS B 191 -9.59 3.77 19.48
C LYS B 191 -8.17 3.21 19.58
N PRO B 192 -7.49 3.46 20.66
CA PRO B 192 -6.16 2.89 20.84
C PRO B 192 -6.32 1.49 21.35
N HIS B 193 -5.75 0.53 20.64
CA HIS B 193 -5.93 -0.89 20.90
C HIS B 193 -4.84 -1.52 21.76
N PRO B 194 -5.20 -2.56 22.54
CA PRO B 194 -4.16 -3.33 23.24
C PRO B 194 -3.27 -3.96 22.18
N VAL B 195 -2.04 -4.29 22.54
CA VAL B 195 -1.06 -4.70 21.53
C VAL B 195 -0.19 -5.87 22.02
N VAL B 196 0.07 -6.80 21.13
CA VAL B 196 1.03 -7.83 21.44
C VAL B 196 2.27 -7.64 20.59
N ILE B 197 3.43 -7.65 21.23
CA ILE B 197 4.71 -7.65 20.53
C ILE B 197 5.08 -9.10 20.30
N VAL B 198 5.42 -9.45 19.06
CA VAL B 198 5.59 -10.86 18.68
C VAL B 198 6.91 -11.07 17.95
N SER B 199 7.63 -12.13 18.33
N SER B 199 7.63 -12.12 18.34
CA SER B 199 8.83 -12.54 17.60
CA SER B 199 8.83 -12.54 17.61
C SER B 199 8.88 -14.06 17.43
C SER B 199 8.85 -14.06 17.42
N ALA B 200 9.23 -14.49 16.23
CA ALA B 200 9.38 -15.91 15.94
C ALA B 200 10.84 -16.29 16.16
N GLY B 201 11.21 -17.50 15.73
CA GLY B 201 12.53 -18.03 15.96
C GLY B 201 13.63 -17.54 15.03
N LEU B 202 14.84 -18.05 15.24
CA LEU B 202 16.01 -17.61 14.49
C LEU B 202 16.00 -17.90 12.96
N ASP B 203 15.07 -18.72 12.49
CA ASP B 203 14.99 -19.05 11.07
C ASP B 203 13.67 -18.67 10.41
N SER B 204 12.96 -17.74 11.04
CA SER B 204 11.74 -17.18 10.46
C SER B 204 11.98 -15.69 10.25
N LEU B 205 11.10 -15.05 9.50
CA LEU B 205 11.09 -13.60 9.35
C LEU B 205 9.87 -13.07 10.11
N GLN B 206 9.93 -11.80 10.54
CA GLN B 206 8.82 -11.23 11.29
C GLN B 206 7.56 -11.13 10.45
N THR B 207 7.72 -11.25 9.14
CA THR B 207 6.59 -11.18 8.22
C THR B 207 5.94 -12.56 7.98
N ASP B 208 6.35 -13.57 8.74
CA ASP B 208 5.82 -14.92 8.57
C ASP B 208 4.59 -15.21 9.44
N MET B 209 4.02 -14.19 10.07
CA MET B 209 2.97 -14.44 11.05
C MET B 209 1.63 -13.76 10.80
N TRP B 210 1.36 -13.46 9.53
CA TRP B 210 0.13 -12.76 9.13
C TRP B 210 -1.13 -13.41 9.68
N ARG B 211 -1.20 -14.73 9.56
CA ARG B 211 -2.34 -15.50 10.05
C ARG B 211 -2.56 -15.36 11.56
N LEU B 212 -1.49 -15.21 12.32
CA LEU B 212 -1.64 -15.00 13.78
C LEU B 212 -2.49 -13.77 14.07
N PHE B 213 -2.25 -12.71 13.32
CA PHE B 213 -3.06 -11.51 13.49
C PHE B 213 -4.43 -11.71 12.86
N ARG B 214 -4.45 -12.04 11.58
CA ARG B 214 -5.69 -12.21 10.83
C ARG B 214 -6.72 -13.16 11.45
N ASP B 215 -6.28 -14.36 11.83
CA ASP B 215 -7.23 -15.38 12.27
C ASP B 215 -7.42 -15.42 13.80
N HIS B 216 -6.60 -14.68 14.54
CA HIS B 216 -6.66 -14.75 16.01
C HIS B 216 -6.71 -13.41 16.74
N LEU B 217 -5.64 -12.63 16.66
CA LEU B 217 -5.56 -11.37 17.38
C LEU B 217 -6.60 -10.36 16.88
N ALA B 218 -6.79 -10.28 15.57
CA ALA B 218 -7.72 -9.32 14.96
C ALA B 218 -9.14 -9.47 15.52
N LYS B 219 -9.58 -10.70 15.70
CA LYS B 219 -10.89 -11.01 16.29
C LYS B 219 -11.19 -10.27 17.60
N HIS B 220 -10.16 -9.77 18.27
CA HIS B 220 -10.34 -9.05 19.53
C HIS B 220 -9.80 -7.63 19.47
N ASP B 221 -9.68 -7.10 18.25
CA ASP B 221 -8.98 -5.85 18.01
C ASP B 221 -7.66 -5.78 18.80
N ILE B 222 -6.98 -6.91 18.92
CA ILE B 222 -5.64 -6.90 19.49
C ILE B 222 -4.66 -6.58 18.37
N ALA B 223 -3.89 -5.51 18.54
CA ALA B 223 -2.90 -5.15 17.54
C ALA B 223 -1.70 -6.09 17.62
N MET B 224 -1.09 -6.35 16.48
CA MET B 224 0.12 -7.16 16.46
C MET B 224 1.29 -6.31 16.03
N LEU B 225 2.32 -6.25 16.84
CA LEU B 225 3.54 -5.55 16.44
C LEU B 225 4.69 -6.54 16.30
N THR B 226 5.09 -6.87 15.07
CA THR B 226 6.09 -7.93 14.88
C THR B 226 7.50 -7.36 14.90
N VAL B 227 8.44 -8.14 15.42
CA VAL B 227 9.84 -7.71 15.50
C VAL B 227 10.78 -8.90 15.29
N ASP B 228 11.85 -8.68 14.53
CA ASP B 228 12.93 -9.64 14.38
C ASP B 228 13.89 -9.58 15.57
N MET B 229 14.26 -10.75 16.06
CA MET B 229 15.33 -10.90 17.05
C MET B 229 16.63 -10.33 16.49
N PRO B 230 17.55 -9.91 17.39
CA PRO B 230 18.89 -9.47 16.95
C PRO B 230 19.52 -10.55 16.08
N SER B 231 20.15 -10.13 14.99
CA SER B 231 20.79 -10.98 13.96
C SER B 231 19.83 -11.55 12.92
N VAL B 232 18.53 -11.30 13.10
CA VAL B 232 17.53 -11.88 12.21
C VAL B 232 16.84 -10.82 11.37
N GLY B 233 16.57 -11.16 10.10
CA GLY B 233 15.85 -10.29 9.19
C GLY B 233 16.28 -8.83 9.19
N TYR B 234 15.33 -7.96 9.51
CA TYR B 234 15.59 -6.52 9.53
C TYR B 234 16.54 -6.11 10.64
N SER B 235 16.73 -7.01 11.61
CA SER B 235 17.56 -6.74 12.78
C SER B 235 18.96 -7.34 12.61
N SER B 236 19.32 -7.60 11.35
CA SER B 236 20.55 -8.32 11.03
C SER B 236 21.80 -7.60 11.46
N LYS B 237 21.71 -6.28 11.58
CA LYS B 237 22.87 -5.47 11.95
C LYS B 237 23.07 -5.36 13.46
N TYR B 238 22.07 -5.78 14.24
CA TYR B 238 22.22 -5.85 15.69
C TYR B 238 22.75 -7.21 16.11
N PRO B 239 23.97 -7.25 16.66
CA PRO B 239 24.52 -8.55 17.06
C PRO B 239 23.63 -9.22 18.11
N LEU B 240 23.64 -10.55 18.08
CA LEU B 240 23.05 -11.35 19.13
C LEU B 240 24.03 -11.41 20.28
N THR B 241 23.72 -10.68 21.36
CA THR B 241 24.57 -10.71 22.54
C THR B 241 23.86 -11.46 23.65
N GLU B 242 24.32 -11.32 24.89
CA GLU B 242 23.66 -11.97 26.01
C GLU B 242 22.39 -11.25 26.42
N ASP B 243 22.26 -10.00 25.96
CA ASP B 243 21.06 -9.21 26.21
C ASP B 243 20.18 -9.24 24.96
N TYR B 244 19.70 -10.42 24.60
CA TYR B 244 19.01 -10.59 23.32
C TYR B 244 17.55 -10.13 23.34
N SER B 245 17.09 -9.62 24.47
CA SER B 245 15.77 -9.03 24.54
C SER B 245 15.81 -7.50 24.39
N ARG B 246 16.98 -6.97 24.02
CA ARG B 246 17.22 -5.53 24.02
C ARG B 246 16.39 -4.77 22.99
N LEU B 247 16.26 -5.32 21.78
CA LEU B 247 15.45 -4.68 20.75
C LEU B 247 14.01 -4.57 21.22
N HIS B 248 13.50 -5.65 21.81
CA HIS B 248 12.15 -5.68 22.33
C HIS B 248 11.94 -4.69 23.48
N GLN B 249 13.00 -4.45 24.26
CA GLN B 249 12.92 -3.47 25.33
C GLN B 249 12.86 -2.09 24.72
N ALA B 250 13.56 -1.91 23.60
CA ALA B 250 13.55 -0.64 22.89
C ALA B 250 12.18 -0.39 22.32
N VAL B 251 11.62 -1.41 21.68
CA VAL B 251 10.32 -1.26 21.04
C VAL B 251 9.25 -0.98 22.10
N LEU B 252 9.26 -1.76 23.17
CA LEU B 252 8.33 -1.58 24.28
C LEU B 252 8.28 -0.12 24.77
N ASN B 253 9.47 0.45 24.99
CA ASN B 253 9.59 1.82 25.47
C ASN B 253 9.24 2.91 24.45
N GLU B 254 9.02 2.52 23.20
CA GLU B 254 8.55 3.48 22.19
C GLU B 254 7.04 3.45 21.99
N LEU B 255 6.37 2.49 22.62
CA LEU B 255 4.93 2.33 22.47
C LEU B 255 4.11 3.51 23.00
N PHE B 256 4.77 4.45 23.68
CA PHE B 256 4.12 5.68 24.12
C PHE B 256 3.68 6.51 22.91
N SER B 257 4.54 6.58 21.89
CA SER B 257 4.42 7.56 20.82
C SER B 257 3.38 7.12 19.82
N ILE B 258 3.08 5.83 19.82
CA ILE B 258 2.07 5.30 18.93
C ILE B 258 0.73 5.31 19.64
N PRO B 259 -0.15 6.24 19.25
CA PRO B 259 -1.44 6.41 19.90
C PRO B 259 -2.45 5.41 19.36
N TYR B 260 -2.08 4.71 18.28
CA TYR B 260 -2.89 3.64 17.75
C TYR B 260 -2.92 2.46 18.72
N VAL B 261 -1.98 2.47 19.68
CA VAL B 261 -1.92 1.40 20.67
C VAL B 261 -1.96 1.95 22.11
N ASP B 262 -2.62 1.18 22.96
CA ASP B 262 -2.70 1.49 24.38
C ASP B 262 -1.49 0.88 25.05
N HIS B 263 -0.51 1.72 25.39
CA HIS B 263 0.73 1.20 25.98
C HIS B 263 0.57 0.78 27.45
N HIS B 264 -0.65 0.82 27.97
CA HIS B 264 -0.92 0.22 29.28
C HIS B 264 -1.43 -1.23 29.17
N ARG B 265 -1.60 -1.71 27.93
CA ARG B 265 -2.09 -3.06 27.70
C ARG B 265 -1.20 -3.79 26.69
N VAL B 266 0.02 -4.05 27.11
CA VAL B 266 1.02 -4.65 26.21
C VAL B 266 1.26 -6.11 26.59
N GLY B 267 1.14 -6.98 25.60
CA GLY B 267 1.39 -8.40 25.79
C GLY B 267 2.53 -8.89 24.91
N LEU B 268 2.98 -10.12 25.15
CA LEU B 268 4.09 -10.70 24.39
C LEU B 268 3.76 -12.09 23.89
N ILE B 269 4.12 -12.39 22.64
CA ILE B 269 4.12 -13.75 22.14
C ILE B 269 5.49 -14.07 21.52
N GLY B 270 6.10 -15.18 21.93
CA GLY B 270 7.41 -15.55 21.41
C GLY B 270 7.43 -17.01 20.98
N PHE B 271 7.90 -17.25 19.75
CA PHE B 271 8.01 -18.60 19.21
C PHE B 271 9.48 -19.00 19.15
N ARG B 272 9.74 -20.24 19.53
CA ARG B 272 11.10 -20.78 19.64
C ARG B 272 12.00 -19.81 20.41
N PHE B 273 13.17 -19.50 19.86
CA PHE B 273 14.11 -18.64 20.56
C PHE B 273 13.51 -17.26 20.83
N GLY B 274 12.54 -16.88 20.01
CA GLY B 274 11.73 -15.69 20.28
C GLY B 274 11.11 -15.76 21.66
N GLY B 275 10.76 -16.97 22.10
CA GLY B 275 10.15 -17.16 23.41
C GLY B 275 11.07 -16.83 24.59
N ASN B 276 12.35 -17.13 24.43
CA ASN B 276 13.38 -16.75 25.41
C ASN B 276 13.43 -15.26 25.61
N ALA B 277 13.44 -14.53 24.51
CA ALA B 277 13.52 -13.08 24.59
C ALA B 277 12.30 -12.56 25.35
N MET B 278 11.14 -13.14 25.09
CA MET B 278 9.91 -12.66 25.74
C MET B 278 9.89 -12.97 27.23
N VAL B 279 10.33 -14.16 27.61
CA VAL B 279 10.45 -14.48 29.03
C VAL B 279 11.40 -13.48 29.68
N ARG B 280 12.57 -13.32 29.08
CA ARG B 280 13.58 -12.39 29.58
C ARG B 280 13.00 -10.98 29.79
N LEU B 281 12.30 -10.47 28.78
CA LEU B 281 11.66 -9.16 28.89
C LEU B 281 10.63 -9.11 30.02
N SER B 282 9.95 -10.23 30.24
CA SER B 282 8.91 -10.31 31.27
C SER B 282 9.46 -10.20 32.71
N PHE B 283 10.72 -10.55 32.91
CA PHE B 283 11.37 -10.38 34.22
C PHE B 283 11.94 -8.97 34.38
N LEU B 284 12.22 -8.33 33.26
CA LEU B 284 12.89 -7.03 33.23
C LEU B 284 11.90 -5.88 33.34
N GLU B 285 10.74 -6.05 32.72
CA GLU B 285 9.70 -5.04 32.72
C GLU B 285 8.37 -5.59 33.27
N GLN B 286 8.32 -5.81 34.58
CA GLN B 286 7.19 -6.46 35.23
C GLN B 286 5.95 -5.58 35.34
N GLU B 287 6.12 -4.27 35.12
CA GLU B 287 5.02 -3.33 35.14
C GLU B 287 4.45 -3.10 33.74
N LYS B 288 5.33 -2.98 32.76
CA LYS B 288 4.92 -2.60 31.40
C LYS B 288 4.30 -3.77 30.62
N ILE B 289 4.65 -4.99 31.01
CA ILE B 289 4.20 -6.18 30.32
C ILE B 289 3.08 -6.81 31.12
N LYS B 290 1.90 -6.92 30.52
CA LYS B 290 0.72 -7.46 31.20
C LYS B 290 0.50 -8.96 31.01
N ALA B 291 1.12 -9.54 29.98
CA ALA B 291 0.95 -10.97 29.71
C ALA B 291 2.02 -11.44 28.75
N CYS B 292 2.39 -12.71 28.86
CA CYS B 292 3.39 -13.30 27.96
C CYS B 292 2.98 -14.72 27.58
N VAL B 293 3.09 -15.05 26.30
CA VAL B 293 2.86 -16.43 25.87
C VAL B 293 4.06 -16.92 25.08
N ILE B 294 4.56 -18.11 25.39
CA ILE B 294 5.65 -18.67 24.61
C ILE B 294 5.27 -20.05 24.10
N LEU B 295 5.70 -20.37 22.86
CA LEU B 295 5.46 -21.68 22.29
C LEU B 295 6.75 -22.27 21.71
N GLY B 296 7.07 -23.49 22.14
CA GLY B 296 8.29 -24.18 21.73
C GLY B 296 9.60 -23.44 22.00
N ALA B 297 9.69 -22.73 23.12
CA ALA B 297 10.91 -21.98 23.40
C ALA B 297 12.02 -22.85 24.00
N PRO B 298 13.27 -22.67 23.52
CA PRO B 298 14.46 -23.33 24.08
C PRO B 298 14.96 -22.65 25.35
N ILE B 299 14.27 -22.86 26.46
CA ILE B 299 14.55 -22.14 27.72
C ILE B 299 15.91 -22.47 28.38
N HIS B 300 16.24 -23.76 28.43
CA HIS B 300 17.40 -24.18 29.19
C HIS B 300 18.07 -25.46 28.66
N ASP B 301 17.29 -26.52 28.57
CA ASP B 301 17.81 -27.88 28.41
C ASP B 301 18.72 -28.06 27.20
N ILE B 302 18.26 -27.69 26.02
CA ILE B 302 19.06 -27.90 24.82
C ILE B 302 20.31 -27.04 24.85
N PHE B 303 20.16 -25.79 25.28
CA PHE B 303 21.28 -24.86 25.32
C PHE B 303 22.39 -25.32 26.25
N ALA B 304 22.02 -26.05 27.30
CA ALA B 304 22.97 -26.48 28.31
C ALA B 304 23.31 -27.96 28.16
N SER B 305 22.98 -28.53 27.00
CA SER B 305 23.28 -29.92 26.72
C SER B 305 24.20 -30.01 25.49
N PRO B 306 25.52 -29.84 25.71
CA PRO B 306 26.52 -29.84 24.62
C PRO B 306 26.44 -31.10 23.77
N GLN B 307 26.26 -32.25 24.40
CA GLN B 307 26.18 -33.49 23.66
C GLN B 307 24.98 -33.49 22.67
N LYS B 308 23.91 -32.78 23.01
CA LYS B 308 22.74 -32.77 22.16
C LYS B 308 22.94 -31.82 20.99
N LEU B 309 23.49 -30.64 21.30
CA LEU B 309 23.82 -29.64 20.31
C LEU B 309 24.78 -30.20 19.25
N GLN B 310 25.71 -31.04 19.69
CA GLN B 310 26.70 -31.62 18.79
C GLN B 310 26.13 -32.62 17.79
N GLN B 311 24.94 -33.15 18.09
CA GLN B 311 24.32 -34.17 17.24
C GLN B 311 23.12 -33.63 16.48
N MET B 312 22.90 -32.33 16.56
CA MET B 312 21.81 -31.71 15.81
C MET B 312 22.08 -31.75 14.31
N PRO B 313 21.01 -31.78 13.51
CA PRO B 313 21.17 -31.69 12.04
C PRO B 313 21.94 -30.44 11.64
N LYS B 314 22.72 -30.53 10.58
CA LYS B 314 23.57 -29.45 10.11
C LYS B 314 22.85 -28.13 9.90
N MET B 315 21.59 -28.17 9.48
CA MET B 315 20.86 -26.95 9.18
C MET B 315 20.84 -26.05 10.41
N TYR B 316 20.66 -26.66 11.58
CA TYR B 316 20.57 -25.88 12.82
C TYR B 316 21.91 -25.27 13.21
N LEU B 317 22.98 -26.04 13.09
CA LEU B 317 24.31 -25.54 13.33
C LEU B 317 24.61 -24.39 12.39
N ASP B 318 24.19 -24.52 11.13
CA ASP B 318 24.42 -23.49 10.12
C ASP B 318 23.74 -22.19 10.51
N VAL B 319 22.50 -22.29 10.95
CA VAL B 319 21.76 -21.10 11.41
C VAL B 319 22.46 -20.42 12.57
N LEU B 320 22.80 -21.19 13.60
CA LEU B 320 23.55 -20.68 14.74
C LEU B 320 24.85 -19.96 14.33
N ALA B 321 25.65 -20.61 13.48
CA ALA B 321 26.87 -20.00 12.95
C ALA B 321 26.60 -18.67 12.25
N SER B 322 25.63 -18.65 11.33
CA SER B 322 25.24 -17.42 10.67
C SER B 322 24.78 -16.34 11.67
N ARG B 323 23.91 -16.70 12.60
CA ARG B 323 23.39 -15.73 13.56
C ARG B 323 24.47 -15.18 14.52
N LEU B 324 25.39 -16.06 14.93
CA LEU B 324 26.48 -15.65 15.82
C LEU B 324 27.64 -14.99 15.10
N GLY B 325 27.50 -14.87 13.79
CA GLY B 325 28.50 -14.21 12.98
C GLY B 325 29.81 -14.96 12.84
N LYS B 326 29.76 -16.27 13.01
CA LYS B 326 30.97 -17.11 12.94
C LYS B 326 31.50 -17.27 11.52
N SER B 327 32.82 -17.11 11.36
CA SER B 327 33.44 -17.24 10.05
C SER B 327 33.71 -18.71 9.70
N VAL B 328 34.29 -19.43 10.64
CA VAL B 328 34.61 -20.84 10.45
C VAL B 328 34.22 -21.55 11.73
N VAL B 329 33.47 -22.64 11.62
CA VAL B 329 32.84 -23.24 12.80
C VAL B 329 33.59 -24.41 13.44
N ASP B 330 33.85 -24.30 14.73
CA ASP B 330 34.23 -25.46 15.52
C ASP B 330 33.00 -25.83 16.32
N ILE B 331 32.41 -26.99 16.03
CA ILE B 331 31.15 -27.38 16.66
C ILE B 331 31.27 -27.62 18.17
N TYR B 332 32.39 -28.18 18.58
CA TYR B 332 32.67 -28.39 20.00
C TYR B 332 32.63 -27.06 20.74
N SER B 333 33.37 -26.10 20.21
CA SER B 333 33.40 -24.77 20.81
C SER B 333 32.01 -24.15 20.84
N LEU B 334 31.37 -24.08 19.68
CA LEU B 334 30.01 -23.56 19.57
C LEU B 334 29.07 -24.19 20.58
N SER B 335 29.09 -25.52 20.69
CA SER B 335 28.19 -26.23 21.60
C SER B 335 28.41 -25.77 23.05
N GLY B 336 29.66 -25.59 23.45
CA GLY B 336 29.97 -25.07 24.77
C GLY B 336 29.47 -23.65 25.00
N GLN B 337 29.61 -22.82 23.97
CA GLN B 337 29.19 -21.43 24.05
C GLN B 337 27.68 -21.21 24.19
N MET B 338 26.86 -22.13 23.70
CA MET B 338 25.41 -21.98 23.78
C MET B 338 24.84 -21.96 25.20
N ALA B 339 25.59 -22.50 26.17
CA ALA B 339 25.10 -22.58 27.55
C ALA B 339 24.68 -21.22 28.11
N ALA B 340 25.35 -20.16 27.68
CA ALA B 340 25.06 -18.81 28.16
C ALA B 340 23.69 -18.27 27.69
N TRP B 341 23.05 -18.96 26.80
CA TRP B 341 21.75 -18.55 26.30
C TRP B 341 20.59 -19.06 27.12
N SER B 342 20.84 -20.09 27.90
CA SER B 342 19.86 -20.59 28.85
C SER B 342 19.47 -19.52 29.89
N LEU B 343 18.17 -19.38 30.16
CA LEU B 343 17.67 -18.39 31.13
C LEU B 343 17.90 -18.84 32.57
N LYS B 344 18.11 -20.12 32.77
CA LYS B 344 18.52 -20.59 34.09
C LYS B 344 19.98 -20.19 34.33
N VAL B 345 20.85 -20.51 33.35
CA VAL B 345 22.24 -20.13 33.41
C VAL B 345 22.38 -18.60 33.61
N GLN B 346 21.45 -17.86 33.03
CA GLN B 346 21.50 -16.40 33.16
C GLN B 346 21.01 -15.87 34.51
N GLY B 347 20.35 -16.72 35.28
CA GLY B 347 19.89 -16.33 36.61
C GLY B 347 18.41 -15.98 36.77
N PHE B 348 17.64 -16.07 35.68
CA PHE B 348 16.21 -15.69 35.70
C PHE B 348 15.26 -16.75 36.26
N LEU B 349 15.78 -17.92 36.58
CA LEU B 349 14.94 -19.02 36.98
C LEU B 349 15.52 -19.70 38.21
N SER B 350 15.80 -18.89 39.24
CA SER B 350 16.40 -19.38 40.49
C SER B 350 15.56 -19.02 41.71
N SER B 351 15.23 -17.73 41.83
CA SER B 351 14.53 -17.27 43.02
C SER B 351 13.53 -16.20 42.61
N ARG B 352 14.06 -15.20 41.92
CA ARG B 352 13.30 -14.04 41.45
C ARG B 352 11.96 -14.43 40.80
N LYS B 353 10.87 -13.78 41.22
CA LYS B 353 9.56 -14.05 40.63
C LYS B 353 9.19 -12.92 39.69
N THR B 354 8.35 -13.21 38.71
CA THR B 354 7.78 -12.14 37.91
C THR B 354 6.28 -12.00 38.10
N LYS B 355 5.85 -10.74 38.17
CA LYS B 355 4.47 -10.34 38.23
C LYS B 355 3.75 -10.73 36.93
N VAL B 356 4.51 -10.88 35.85
CA VAL B 356 3.92 -11.19 34.54
C VAL B 356 3.40 -12.62 34.47
N PRO B 357 2.10 -12.78 34.21
CA PRO B 357 1.57 -14.14 34.02
C PRO B 357 2.01 -14.68 32.66
N ILE B 358 2.75 -15.79 32.70
CA ILE B 358 3.33 -16.38 31.50
C ILE B 358 2.72 -17.73 31.23
N LEU B 359 2.18 -17.91 30.04
CA LEU B 359 1.75 -19.22 29.60
C LEU B 359 2.88 -19.79 28.74
N ALA B 360 3.39 -20.95 29.14
CA ALA B 360 4.55 -21.54 28.47
C ALA B 360 4.18 -22.92 27.95
N MET B 361 4.20 -23.07 26.63
CA MET B 361 3.70 -24.30 26.02
C MET B 361 4.68 -24.87 25.04
N SER B 362 4.55 -26.17 24.81
N SER B 362 4.57 -26.17 24.82
CA SER B 362 5.28 -26.85 23.77
CA SER B 362 5.31 -26.84 23.76
C SER B 362 4.50 -28.11 23.41
C SER B 362 4.56 -28.12 23.43
N LEU B 363 4.69 -28.60 22.20
CA LEU B 363 4.07 -29.84 21.78
C LEU B 363 4.78 -31.00 22.43
N GLU B 364 4.01 -32.04 22.79
CA GLU B 364 4.56 -33.26 23.37
C GLU B 364 5.73 -33.82 22.56
N GLY B 365 6.84 -34.11 23.26
CA GLY B 365 8.02 -34.65 22.61
C GLY B 365 8.83 -33.67 21.78
N ASP B 366 8.59 -32.36 21.94
CA ASP B 366 9.41 -31.35 21.28
C ASP B 366 10.81 -31.42 21.90
N PRO B 367 11.81 -31.81 21.10
CA PRO B 367 13.17 -32.00 21.60
C PRO B 367 13.87 -30.69 21.93
N VAL B 368 13.33 -29.57 21.47
CA VAL B 368 13.93 -28.28 21.72
C VAL B 368 13.32 -27.60 22.95
N SER B 369 12.11 -28.02 23.31
CA SER B 369 11.36 -27.32 24.37
C SER B 369 10.65 -28.33 25.27
N PRO B 370 11.40 -28.95 26.17
CA PRO B 370 10.80 -30.00 26.99
C PRO B 370 9.85 -29.42 28.02
N TYR B 371 8.90 -30.22 28.45
CA TYR B 371 7.97 -29.85 29.52
C TYR B 371 8.69 -29.22 30.72
N SER B 372 9.82 -29.82 31.10
CA SER B 372 10.60 -29.32 32.24
C SER B 372 11.02 -27.85 32.11
N ASP B 373 11.38 -27.45 30.89
CA ASP B 373 11.70 -26.04 30.61
C ASP B 373 10.49 -25.15 30.88
N ASN B 374 9.34 -25.51 30.31
CA ASN B 374 8.14 -24.69 30.49
C ASN B 374 7.67 -24.64 31.94
N GLN B 375 7.80 -25.74 32.67
CA GLN B 375 7.47 -25.75 34.11
C GLN B 375 8.31 -24.75 34.88
N MET B 376 9.59 -24.64 34.54
CA MET B 376 10.47 -23.71 35.22
C MET B 376 10.01 -22.27 35.00
N VAL B 377 9.76 -21.91 33.74
CA VAL B 377 9.17 -20.61 33.45
C VAL B 377 7.86 -20.36 34.21
N ALA B 378 6.97 -21.35 34.26
CA ALA B 378 5.65 -21.12 34.88
C ALA B 378 5.78 -20.95 36.37
N PHE B 379 6.73 -21.68 36.95
CA PHE B 379 6.92 -21.64 38.40
C PHE B 379 7.26 -20.23 38.90
N PHE B 380 8.15 -19.56 38.17
CA PHE B 380 8.61 -18.24 38.60
C PHE B 380 7.71 -17.11 38.13
N SER B 381 6.60 -17.48 37.49
CA SER B 381 5.62 -16.50 37.01
C SER B 381 4.41 -16.52 37.93
N THR B 382 4.00 -15.35 38.40
CA THR B 382 2.77 -15.27 39.18
C THR B 382 1.53 -15.56 38.34
N TYR B 383 0.89 -16.67 38.66
CA TYR B 383 -0.28 -17.20 37.96
C TYR B 383 0.12 -17.75 36.60
N GLY B 384 1.39 -18.12 36.45
CA GLY B 384 1.87 -18.66 35.19
C GLY B 384 1.45 -20.11 35.00
N LYS B 385 1.52 -20.61 33.78
CA LYS B 385 1.07 -21.98 33.53
C LYS B 385 1.92 -22.65 32.47
N ALA B 386 2.23 -23.93 32.68
CA ALA B 386 2.98 -24.69 31.69
C ALA B 386 2.08 -25.77 31.16
N LYS B 387 2.21 -26.04 29.86
CA LYS B 387 1.35 -27.04 29.25
C LYS B 387 2.14 -27.85 28.20
N LYS B 388 2.01 -29.16 28.28
CA LYS B 388 2.50 -30.05 27.24
C LYS B 388 1.30 -30.38 26.36
N ILE B 389 1.35 -29.97 25.10
CA ILE B 389 0.22 -30.13 24.21
C ILE B 389 0.20 -31.52 23.59
N SER B 390 -0.80 -32.32 23.93
CA SER B 390 -0.94 -33.64 23.31
C SER B 390 -2.07 -33.58 22.31
N SER B 391 -1.83 -34.17 21.15
CA SER B 391 -2.80 -34.09 20.05
C SER B 391 -2.60 -35.22 19.05
N LYS B 392 -3.65 -35.47 18.27
CA LYS B 392 -3.61 -36.45 17.20
C LYS B 392 -2.66 -36.01 16.08
N THR B 393 -2.80 -34.78 15.59
CA THR B 393 -1.89 -34.24 14.58
C THR B 393 -1.13 -33.02 15.07
N ILE B 394 -0.04 -32.68 14.37
CA ILE B 394 0.72 -31.48 14.70
C ILE B 394 -0.13 -30.21 14.50
N THR B 395 -0.90 -30.19 13.42
CA THR B 395 -1.82 -29.08 13.13
C THR B 395 -2.79 -28.84 14.30
N GLN B 396 -3.29 -29.92 14.86
CA GLN B 396 -4.21 -29.83 15.99
C GLN B 396 -3.49 -29.27 17.21
N GLY B 397 -2.23 -29.68 17.40
CA GLY B 397 -1.38 -29.14 18.45
C GLY B 397 -1.19 -27.63 18.36
N TYR B 398 -0.79 -27.14 17.18
CA TYR B 398 -0.59 -25.71 16.96
C TYR B 398 -1.89 -24.97 17.22
N GLU B 399 -3.00 -25.53 16.72
CA GLU B 399 -4.29 -24.87 16.88
C GLU B 399 -4.81 -24.87 18.32
N GLN B 400 -4.55 -25.94 19.07
CA GLN B 400 -4.85 -25.94 20.50
C GLN B 400 -4.01 -24.89 21.23
N SER B 401 -2.72 -24.88 20.91
CA SER B 401 -1.77 -23.91 21.46
C SER B 401 -2.20 -22.46 21.24
N LEU B 402 -2.60 -22.15 20.02
CA LEU B 402 -3.01 -20.81 19.67
C LEU B 402 -4.31 -20.42 20.34
N ASP B 403 -5.23 -21.38 20.46
CA ASP B 403 -6.48 -21.15 21.17
C ASP B 403 -6.18 -20.81 22.63
N LEU B 404 -5.27 -21.55 23.23
CA LEU B 404 -4.88 -21.27 24.61
C LEU B 404 -4.16 -19.93 24.70
N ALA B 405 -3.33 -19.62 23.71
CA ALA B 405 -2.65 -18.32 23.76
C ALA B 405 -3.63 -17.14 23.74
N ILE B 406 -4.61 -17.19 22.84
CA ILE B 406 -5.53 -16.07 22.64
C ILE B 406 -6.39 -15.86 23.87
N LYS B 407 -6.78 -16.96 24.49
CA LYS B 407 -7.57 -16.89 25.70
C LYS B 407 -6.77 -16.27 26.83
N TRP B 408 -5.48 -16.57 26.88
CA TRP B 408 -4.57 -15.99 27.87
C TRP B 408 -4.53 -14.47 27.69
N LEU B 409 -4.33 -14.03 26.45
CA LEU B 409 -4.31 -12.60 26.11
C LEU B 409 -5.65 -11.91 26.37
N GLU B 410 -6.75 -12.61 26.07
CA GLU B 410 -8.08 -12.12 26.43
C GLU B 410 -8.16 -11.81 27.91
N ASP B 411 -7.85 -12.81 28.73
CA ASP B 411 -7.94 -12.70 30.19
C ASP B 411 -6.98 -11.70 30.81
N GLU B 412 -5.80 -11.52 30.22
CA GLU B 412 -4.80 -10.67 30.86
C GLU B 412 -4.60 -9.34 30.17
N LEU B 413 -4.97 -9.24 28.88
CA LEU B 413 -4.84 -7.96 28.18
C LEU B 413 -6.16 -7.20 28.10
N LEU B 414 -7.24 -7.92 27.82
CA LEU B 414 -8.57 -7.30 27.66
C LEU B 414 -9.34 -7.31 28.97
N ARG B 415 -8.62 -7.31 30.09
CA ARG B 415 -9.26 -7.46 31.40
C ARG B 415 -9.80 -6.16 32.03
C2 1PG C . -15.22 24.30 -19.27
C1 1PG C . -15.28 26.60 -18.59
O1 1PG C . -15.32 25.25 -18.27
O2 1PG C . -14.61 22.30 -17.99
C3 1PG C . -15.44 22.87 -18.92
C4 1PG C . -15.14 21.58 -16.95
C5 1PG C . -14.28 21.38 -15.75
O3 1PG C . -14.10 20.09 -15.31
C6 1PG C . -15.19 19.26 -15.20
C7 1PG C . -14.95 17.80 -15.09
O4 1PG C . -16.04 17.00 -14.83
C8 1PG C . -17.22 17.26 -15.50
C9 1PG C . -18.48 16.81 -14.85
O5 1PG C . -19.41 16.12 -15.62
C10 1PG C . -20.62 15.74 -15.06
C11 1PG C . -21.76 16.69 -15.09
O6 1PG C . -22.81 16.40 -15.93
CA 6NA D . -5.66 23.37 -17.03
C 6NA D . -6.37 22.31 -16.25
O 6NA D . -6.34 21.16 -16.57
CB 6NA D . -4.54 24.00 -16.31
CG 6NA D . -3.71 24.94 -17.03
CD 6NA D . -4.29 26.20 -17.45
C6 6NA D . -4.28 27.25 -16.47
OXT 6NA D . -7.01 22.61 -15.28
C2 1PG E . 6.71 -26.72 17.08
C1 1PG E . 6.64 -29.13 17.08
O1 1PG E . 6.99 -27.93 17.68
O2 1PG E . 6.25 -24.33 17.59
C3 1PG E . 7.01 -25.47 17.84
C4 1PG E . 6.78 -23.31 16.82
C5 1PG E . 5.90 -22.67 15.80
O3 1PG E . 6.44 -21.72 14.95
C6 1PG E . 5.62 -20.97 14.14
C7 1PG E . 6.08 -19.61 13.73
O4 1PG E . 5.12 -18.64 13.53
C8 1PG E . 4.01 -18.97 12.78
C9 1PG E . 2.72 -18.25 13.03
O5 1PG E . 1.56 -19.00 13.19
C10 1PG E . 0.53 -18.92 12.27
C11 1PG E . -0.86 -18.72 12.78
O6 1PG E . -1.81 -19.71 12.60
C1 GOL F . 17.60 -30.20 17.92
O1 GOL F . 16.55 -29.98 17.01
C2 GOL F . 17.88 -31.70 18.09
O2 GOL F . 16.70 -32.42 17.80
C3 GOL F . 18.33 -32.00 19.52
O3 GOL F . 19.31 -33.03 19.56
CA 6NA G . 16.18 -21.58 17.86
C 6NA G . 15.03 -21.12 17.06
O 6NA G . 14.71 -21.74 16.03
CB 6NA G . 16.87 -22.82 17.49
CG 6NA G . 17.23 -23.73 18.61
CD 6NA G . 18.57 -24.36 18.56
C6 6NA G . 19.48 -23.85 17.51
OXT 6NA G . 14.45 -20.13 17.44
#